data_4KXV
#
_entry.id   4KXV
#
_cell.length_a   113.670
_cell.length_b   85.980
_cell.length_c   73.000
_cell.angle_alpha   90.00
_cell.angle_beta   125.30
_cell.angle_gamma   90.00
#
_symmetry.space_group_name_H-M   'C 1 2 1'
#
loop_
_entity.id
_entity.type
_entity.pdbx_description
1 polymer Transketolase
2 non-polymer 'CALCIUM ION'
3 non-polymer 1,2-ETHANEDIOL
4 non-polymer 'THIAMINE DIPHOSPHATE'
5 non-polymer D-XYLITOL-5-PHOSPHATE
6 water water
#
_entity_poly.entity_id   1
_entity_poly.type   'polypeptide(L)'
_entity_poly.pdbx_seq_one_letter_code
;MESYHKPDQQKLQALKDTANRLRISSIQATTAAGSGHPTSCCSAAEIMAVLFFHTMRYKSQDPRNPHNDRFVLSKGHAAP
ILYAVWAEAGFLAEAELLNLRKISSDLDGHPVPKQAFTDVATGSLGQGLGAACGMAYTGKYFDKASYRVYCLLGDGELSE
GSVWEAMAFASIYKLDNLVAILDINRLGQSDPAPLQHQMDIYQKRCEAFGWHAIIVDGHSVEELCKAFGQAKHQPTAIIA
KTFKGRGITGVEDKESWHGKPLPKNMAEQIIQEIYSQIQSKKKILATPPQEDAPSVDIANIRMPSLPSYKVGDKIATRKA
YGQALAKLGHASDRIIALDGDTKNSTFSEIFKKEHPDRFIECYIAEQNMVSIAVGCATRNRTVPFCSTFAAFFTRAFDQI
RMAAISESNINLCGSHCGVSIGEDGPSQMALEDLAMFRSVPTSTVFYPSDGVATEKAVELAANTKGICFIRTSRPENAII
YNNNEDFQVGQAKVVLKSKDDQVTVIGAGVTLHEALAAAELLKKEKINIRVLDPFTIKPLDRKLILDSARATKGRILTVE
DHYYEGGIGEAVSSAVVGEPGITVTHLAVNRVPRSGKPAELLKMFGIDRDAIAQAVRGLITKALVPRGSLEHHHHHH
;
_entity_poly.pdbx_strand_id   A
#
loop_
_chem_comp.id
_chem_comp.type
_chem_comp.name
_chem_comp.formula
CA non-polymer 'CALCIUM ION' 'Ca 2'
DX5 non-polymer D-XYLITOL-5-PHOSPHATE 'C5 H13 O8 P'
EDO non-polymer 1,2-ETHANEDIOL 'C2 H6 O2'
TPP non-polymer 'THIAMINE DIPHOSPHATE' 'C12 H19 N4 O7 P2 S 1'
#
# COMPACT_ATOMS: atom_id res chain seq x y z
N GLU A 2 -25.41 18.69 11.49
CA GLU A 2 -26.28 18.17 12.53
C GLU A 2 -25.73 18.61 13.88
N SER A 3 -26.62 18.92 14.78
N SER A 3 -26.63 18.89 14.79
CA SER A 3 -26.25 19.28 16.14
CA SER A 3 -26.12 19.30 16.10
C SER A 3 -25.59 18.14 16.88
C SER A 3 -25.54 18.10 16.83
N TYR A 4 -24.60 18.39 17.72
CA TYR A 4 -24.17 17.42 18.74
C TYR A 4 -25.36 17.05 19.57
N HIS A 5 -25.53 15.76 19.83
CA HIS A 5 -26.49 15.27 20.78
C HIS A 5 -25.79 15.07 22.11
N LYS A 6 -26.02 15.96 23.07
CA LYS A 6 -25.31 15.89 24.34
C LYS A 6 -25.89 14.75 25.17
N PRO A 7 -25.13 13.70 25.47
CA PRO A 7 -25.74 12.50 26.09
C PRO A 7 -26.16 12.75 27.53
N ASP A 8 -27.25 12.05 27.91
CA ASP A 8 -27.66 12.00 29.31
C ASP A 8 -26.89 10.95 30.03
N GLN A 9 -26.98 10.86 31.39
N GLN A 9 -27.15 10.93 31.32
CA GLN A 9 -26.21 9.91 32.18
CA GLN A 9 -26.45 9.99 32.17
C GLN A 9 -26.55 8.48 31.81
C GLN A 9 -26.79 8.59 31.73
N GLN A 10 -27.80 8.18 31.40
N GLN A 10 -28.04 8.32 31.28
CA GLN A 10 -28.15 6.84 30.94
CA GLN A 10 -28.32 6.95 30.89
C GLN A 10 -27.50 6.46 29.62
C GLN A 10 -27.50 6.52 29.66
N LYS A 11 -27.39 7.41 28.68
CA LYS A 11 -26.59 7.14 27.46
C LYS A 11 -25.12 6.94 27.82
N LEU A 12 -24.60 7.80 28.72
CA LEU A 12 -23.23 7.62 29.19
C LEU A 12 -23.04 6.29 29.85
N GLN A 13 -23.98 5.86 30.72
CA GLN A 13 -23.87 4.57 31.34
C GLN A 13 -23.92 3.43 30.33
N ALA A 14 -24.76 3.60 29.28
CA ALA A 14 -24.83 2.60 28.24
C ALA A 14 -23.51 2.52 27.48
N LEU A 15 -22.86 3.66 27.27
CA LEU A 15 -21.54 3.64 26.62
C LEU A 15 -20.48 2.97 27.51
N LYS A 16 -20.55 3.16 28.81
CA LYS A 16 -19.66 2.45 29.75
C LYS A 16 -19.91 0.96 29.70
N ASP A 17 -21.20 0.59 29.73
CA ASP A 17 -21.60 -0.81 29.63
C ASP A 17 -21.06 -1.43 28.35
N THR A 18 -21.17 -0.67 27.25
CA THR A 18 -20.67 -1.11 25.94
C THR A 18 -19.16 -1.34 26.04
N ALA A 19 -18.43 -0.35 26.57
CA ALA A 19 -16.98 -0.50 26.72
C ALA A 19 -16.62 -1.75 27.48
N ASN A 20 -17.34 -2.02 28.57
CA ASN A 20 -17.09 -3.21 29.36
C ASN A 20 -17.45 -4.48 28.66
N ARG A 21 -18.53 -4.51 27.89
CA ARG A 21 -18.82 -5.66 27.03
C ARG A 21 -17.68 -5.89 26.03
N LEU A 22 -17.13 -4.83 25.48
CA LEU A 22 -16.05 -4.95 24.52
C LEU A 22 -14.79 -5.55 25.21
N ARG A 23 -14.53 -5.13 26.43
CA ARG A 23 -13.43 -5.73 27.21
C ARG A 23 -13.63 -7.23 27.38
N ILE A 24 -14.85 -7.60 27.83
CA ILE A 24 -15.14 -9.02 28.09
C ILE A 24 -14.92 -9.82 26.82
N SER A 25 -15.45 -9.31 25.70
N SER A 25 -15.44 -9.32 25.69
CA SER A 25 -15.30 -10.08 24.45
CA SER A 25 -15.32 -10.05 24.42
C SER A 25 -13.85 -10.23 24.06
C SER A 25 -13.88 -10.18 23.98
N SER A 26 -13.06 -9.13 24.19
CA SER A 26 -11.66 -9.20 23.81
C SER A 26 -10.91 -10.25 24.64
N ILE A 27 -11.22 -10.32 25.91
CA ILE A 27 -10.64 -11.32 26.81
C ILE A 27 -11.10 -12.72 26.43
N GLN A 28 -12.43 -12.90 26.27
CA GLN A 28 -12.95 -14.21 25.93
C GLN A 28 -12.34 -14.74 24.63
N ALA A 29 -12.26 -13.89 23.62
CA ALA A 29 -11.80 -14.33 22.31
C ALA A 29 -10.33 -14.71 22.33
N THR A 30 -9.49 -13.87 22.99
CA THR A 30 -8.06 -14.14 23.03
C THR A 30 -7.72 -15.32 23.96
N THR A 31 -8.47 -15.47 25.06
CA THR A 31 -8.30 -16.68 25.87
C THR A 31 -8.67 -17.93 25.10
N ALA A 32 -9.78 -17.87 24.34
CA ALA A 32 -10.18 -19.02 23.54
C ALA A 32 -9.13 -19.34 22.50
N ALA A 33 -8.59 -18.31 21.84
CA ALA A 33 -7.57 -18.52 20.82
C ALA A 33 -6.27 -19.03 21.37
N GLY A 34 -5.96 -18.60 22.59
CA GLY A 34 -4.65 -18.82 23.18
C GLY A 34 -3.58 -17.87 22.72
N SER A 35 -3.95 -16.78 22.05
CA SER A 35 -3.04 -15.76 21.60
C SER A 35 -3.85 -14.50 21.33
N GLY A 36 -3.12 -13.39 21.20
CA GLY A 36 -3.71 -12.11 21.01
C GLY A 36 -3.35 -11.11 22.10
N HIS A 37 -4.04 -9.96 22.07
CA HIS A 37 -3.54 -8.75 22.71
C HIS A 37 -4.64 -8.08 23.53
N PRO A 38 -5.23 -8.79 24.52
CA PRO A 38 -6.34 -8.19 25.23
C PRO A 38 -5.98 -6.91 25.94
N THR A 39 -4.76 -6.74 26.46
CA THR A 39 -4.46 -5.50 27.17
C THR A 39 -4.46 -4.30 26.22
N SER A 40 -4.13 -4.50 24.96
CA SER A 40 -4.18 -3.45 23.93
C SER A 40 -5.61 -3.13 23.51
N CYS A 41 -6.50 -4.10 23.63
CA CYS A 41 -7.92 -3.85 23.41
C CYS A 41 -8.48 -3.01 24.54
N CYS A 42 -8.14 -3.40 25.79
CA CYS A 42 -8.78 -2.80 26.94
C CYS A 42 -8.47 -1.30 27.12
N SER A 43 -7.29 -0.84 26.72
CA SER A 43 -7.02 0.57 26.80
C SER A 43 -7.92 1.40 25.88
N ALA A 44 -8.42 0.78 24.80
CA ALA A 44 -9.17 1.46 23.78
C ALA A 44 -10.70 1.28 23.92
N ALA A 45 -11.16 0.65 24.98
CA ALA A 45 -12.57 0.23 25.01
C ALA A 45 -13.55 1.41 25.04
N GLU A 46 -13.29 2.43 25.85
CA GLU A 46 -14.18 3.60 25.84
C GLU A 46 -14.11 4.36 24.52
N ILE A 47 -12.91 4.50 23.96
CA ILE A 47 -12.77 5.14 22.64
C ILE A 47 -13.65 4.41 21.61
N MET A 48 -13.55 3.06 21.58
CA MET A 48 -14.31 2.30 20.59
C MET A 48 -15.81 2.42 20.84
N ALA A 49 -16.24 2.33 22.09
CA ALA A 49 -17.66 2.46 22.41
C ALA A 49 -18.20 3.80 21.94
N VAL A 50 -17.49 4.88 22.24
CA VAL A 50 -17.97 6.21 21.90
C VAL A 50 -17.96 6.40 20.39
N LEU A 51 -16.89 6.00 19.70
CA LEU A 51 -16.88 6.17 18.26
C LEU A 51 -18.02 5.42 17.62
N PHE A 52 -18.20 4.14 17.96
CA PHE A 52 -19.16 3.33 17.22
C PHE A 52 -20.59 3.59 17.65
N PHE A 53 -20.82 4.04 18.86
CA PHE A 53 -22.19 4.15 19.40
C PHE A 53 -22.57 5.53 19.87
N HIS A 54 -21.80 6.55 19.52
CA HIS A 54 -22.23 7.94 19.67
C HIS A 54 -21.80 8.79 18.49
N THR A 55 -20.50 8.75 18.15
CA THR A 55 -19.96 9.73 17.18
C THR A 55 -20.18 9.38 15.74
N MET A 56 -19.75 8.17 15.33
N MET A 56 -19.84 8.15 15.38
CA MET A 56 -19.73 7.92 13.89
CA MET A 56 -19.75 7.73 13.98
C MET A 56 -21.13 7.61 13.35
C MET A 56 -21.11 7.51 13.34
N ARG A 57 -21.19 7.76 12.03
CA ARG A 57 -22.42 7.51 11.25
C ARG A 57 -22.07 6.51 10.16
N TYR A 58 -22.82 5.40 10.18
CA TYR A 58 -22.53 4.31 9.26
C TYR A 58 -23.74 3.37 9.22
N LYS A 59 -23.85 2.61 8.12
CA LYS A 59 -24.83 1.56 8.00
C LYS A 59 -24.27 0.27 8.62
N SER A 60 -24.91 -0.16 9.70
CA SER A 60 -24.37 -1.31 10.43
C SER A 60 -24.44 -2.58 9.63
N GLN A 61 -25.44 -2.66 8.71
CA GLN A 61 -25.55 -3.88 7.91
C GLN A 61 -24.79 -3.74 6.60
N ASP A 62 -24.13 -2.67 6.30
CA ASP A 62 -23.41 -2.46 5.04
C ASP A 62 -22.13 -1.68 5.32
N PRO A 63 -21.15 -2.34 5.94
CA PRO A 63 -19.96 -1.62 6.39
C PRO A 63 -19.19 -0.95 5.26
N ARG A 64 -19.23 -1.47 4.04
CA ARG A 64 -18.53 -0.91 2.90
C ARG A 64 -19.26 0.24 2.21
N ASN A 65 -20.46 0.59 2.73
CA ASN A 65 -21.26 1.58 2.07
C ASN A 65 -20.47 2.90 1.84
N PRO A 66 -20.51 3.48 0.65
CA PRO A 66 -19.67 4.64 0.34
C PRO A 66 -20.02 5.90 1.11
N HIS A 67 -21.18 5.95 1.75
CA HIS A 67 -21.61 7.10 2.51
C HIS A 67 -21.11 7.05 3.95
N ASN A 68 -20.62 5.92 4.40
CA ASN A 68 -20.26 5.73 5.80
C ASN A 68 -19.04 6.54 6.21
N ASP A 69 -19.03 6.99 7.46
CA ASP A 69 -17.77 7.35 8.09
C ASP A 69 -16.82 6.17 7.98
N ARG A 70 -15.52 6.46 7.92
CA ARG A 70 -14.48 5.48 7.90
C ARG A 70 -13.81 5.39 9.25
N PHE A 71 -13.48 4.19 9.68
CA PHE A 71 -12.66 3.95 10.87
C PHE A 71 -11.48 3.09 10.43
N VAL A 72 -10.29 3.51 10.82
CA VAL A 72 -9.05 2.78 10.56
C VAL A 72 -8.43 2.43 11.90
N LEU A 73 -8.26 1.12 12.15
CA LEU A 73 -7.60 0.64 13.34
C LEU A 73 -6.12 0.53 13.05
N SER A 74 -5.36 1.60 13.21
CA SER A 74 -3.94 1.57 12.89
C SER A 74 -3.17 0.60 13.78
N LYS A 75 -3.55 0.54 15.05
CA LYS A 75 -2.99 -0.41 16.02
C LYS A 75 -3.76 -1.74 15.85
N GLY A 76 -3.41 -2.44 14.75
CA GLY A 76 -4.21 -3.54 14.28
C GLY A 76 -4.29 -4.73 15.19
N HIS A 77 -3.35 -4.88 16.11
CA HIS A 77 -3.39 -5.96 17.09
C HIS A 77 -4.54 -5.81 18.07
N ALA A 78 -5.23 -4.68 18.08
CA ALA A 78 -6.49 -4.54 18.80
C ALA A 78 -7.67 -5.10 18.00
N ALA A 79 -7.42 -5.93 16.96
CA ALA A 79 -8.48 -6.51 16.16
C ALA A 79 -9.61 -7.12 16.97
N PRO A 80 -9.38 -7.82 18.08
CA PRO A 80 -10.53 -8.43 18.79
C PRO A 80 -11.57 -7.41 19.18
N ILE A 81 -11.19 -6.17 19.54
CA ILE A 81 -12.17 -5.19 19.94
C ILE A 81 -12.87 -4.58 18.72
N LEU A 82 -12.21 -4.52 17.58
CA LEU A 82 -12.89 -4.18 16.32
C LEU A 82 -13.96 -5.21 16.00
N TYR A 83 -13.63 -6.49 16.14
CA TYR A 83 -14.63 -7.52 15.85
C TYR A 83 -15.80 -7.38 16.85
N ALA A 84 -15.48 -7.14 18.13
CA ALA A 84 -16.49 -7.00 19.12
C ALA A 84 -17.45 -5.86 18.82
N VAL A 85 -16.95 -4.66 18.36
N VAL A 85 -16.91 -4.75 18.30
CA VAL A 85 -17.87 -3.55 18.07
CA VAL A 85 -17.82 -3.62 18.05
C VAL A 85 -18.80 -3.95 16.91
C VAL A 85 -18.76 -3.89 16.89
N TRP A 86 -18.30 -4.67 15.91
CA TRP A 86 -19.16 -5.04 14.78
C TRP A 86 -20.16 -6.11 15.17
N ALA A 87 -19.90 -6.93 16.18
CA ALA A 87 -20.92 -7.80 16.77
C ALA A 87 -21.89 -6.97 17.56
N GLU A 88 -21.41 -6.02 18.36
CA GLU A 88 -22.31 -5.14 19.14
C GLU A 88 -23.24 -4.37 18.22
N ALA A 89 -22.76 -3.95 17.07
CA ALA A 89 -23.55 -3.22 16.08
C ALA A 89 -24.52 -4.12 15.31
N GLY A 90 -24.39 -5.44 15.45
CA GLY A 90 -25.34 -6.35 14.84
C GLY A 90 -24.91 -6.93 13.49
N PHE A 91 -23.72 -6.59 13.01
CA PHE A 91 -23.26 -7.12 11.73
C PHE A 91 -22.71 -8.54 11.86
N LEU A 92 -21.84 -8.78 12.83
N LEU A 92 -21.95 -8.78 12.89
CA LEU A 92 -21.28 -10.08 13.15
CA LEU A 92 -21.22 -10.02 13.10
C LEU A 92 -22.13 -10.80 14.20
C LEU A 92 -21.93 -10.81 14.19
N ALA A 93 -22.19 -12.10 14.03
CA ALA A 93 -22.75 -12.91 15.09
C ALA A 93 -21.85 -12.95 16.30
N GLU A 94 -22.45 -12.79 17.48
N GLU A 94 -22.45 -12.77 17.49
CA GLU A 94 -21.61 -12.74 18.67
CA GLU A 94 -21.65 -12.80 18.71
C GLU A 94 -20.88 -14.06 18.87
C GLU A 94 -20.85 -14.08 18.91
N ALA A 95 -21.45 -15.22 18.54
CA ALA A 95 -20.74 -16.49 18.77
C ALA A 95 -19.47 -16.57 17.95
N GLU A 96 -19.42 -15.88 16.79
CA GLU A 96 -18.25 -15.99 15.94
C GLU A 96 -17.03 -15.38 16.57
N LEU A 97 -17.20 -14.44 17.49
CA LEU A 97 -16.06 -13.79 18.14
C LEU A 97 -15.14 -14.81 18.78
N LEU A 98 -15.69 -15.92 19.30
CA LEU A 98 -14.91 -16.90 19.98
C LEU A 98 -14.03 -17.71 19.07
N ASN A 99 -14.21 -17.56 17.74
CA ASN A 99 -13.41 -18.24 16.74
C ASN A 99 -12.24 -17.42 16.22
N LEU A 100 -11.92 -16.34 16.92
CA LEU A 100 -10.73 -15.54 16.65
C LEU A 100 -9.54 -16.41 16.34
N ARG A 101 -8.84 -16.08 15.26
CA ARG A 101 -7.56 -16.66 14.89
C ARG A 101 -7.64 -18.12 14.43
N LYS A 102 -8.82 -18.68 14.31
CA LYS A 102 -8.96 -20.05 13.80
C LYS A 102 -8.90 -20.09 12.26
N ILE A 103 -8.40 -21.19 11.72
CA ILE A 103 -8.36 -21.36 10.28
C ILE A 103 -9.75 -21.51 9.66
N SER A 104 -10.76 -21.79 10.48
CA SER A 104 -12.15 -21.89 10.10
C SER A 104 -12.90 -20.57 10.13
N SER A 105 -12.22 -19.48 10.50
CA SER A 105 -12.83 -18.17 10.66
C SER A 105 -12.11 -17.13 9.80
N ASP A 106 -12.81 -16.02 9.56
CA ASP A 106 -12.21 -14.84 8.98
C ASP A 106 -11.90 -13.75 10.01
N LEU A 107 -12.04 -14.00 11.27
CA LEU A 107 -11.66 -13.12 12.37
C LEU A 107 -10.20 -13.34 12.70
N ASP A 108 -9.34 -12.90 11.77
CA ASP A 108 -7.91 -13.22 11.80
C ASP A 108 -7.22 -12.34 12.84
N GLY A 109 -5.95 -12.61 13.05
CA GLY A 109 -5.19 -12.02 14.13
C GLY A 109 -5.08 -10.51 14.03
N HIS A 110 -5.00 -10.00 12.80
CA HIS A 110 -5.04 -8.58 12.51
C HIS A 110 -6.08 -8.36 11.44
N PRO A 111 -6.63 -7.15 11.30
CA PRO A 111 -7.74 -6.93 10.36
C PRO A 111 -7.26 -7.06 8.92
N VAL A 112 -8.15 -7.57 8.06
CA VAL A 112 -7.86 -7.80 6.65
C VAL A 112 -9.15 -7.60 5.86
N PRO A 113 -9.07 -7.21 4.60
CA PRO A 113 -10.28 -6.80 3.83
C PRO A 113 -11.17 -7.93 3.36
N LYS A 114 -10.88 -9.19 3.67
CA LYS A 114 -11.89 -10.20 3.57
C LYS A 114 -13.05 -9.93 4.54
N GLN A 115 -12.80 -9.13 5.56
CA GLN A 115 -13.81 -8.63 6.47
C GLN A 115 -14.48 -7.40 5.84
N ALA A 116 -15.83 -7.39 5.78
CA ALA A 116 -16.50 -6.27 5.13
C ALA A 116 -16.22 -4.93 5.80
N PHE A 117 -15.98 -5.01 7.09
CA PHE A 117 -15.75 -3.84 7.90
C PHE A 117 -14.32 -3.34 7.89
N THR A 118 -13.43 -3.97 7.11
CA THR A 118 -12.05 -3.57 7.01
C THR A 118 -11.74 -3.12 5.60
N ASP A 119 -11.18 -1.92 5.45
CA ASP A 119 -10.73 -1.43 4.15
C ASP A 119 -9.27 -1.72 3.86
N VAL A 120 -8.40 -1.51 4.84
N VAL A 120 -8.46 -1.59 4.89
CA VAL A 120 -6.97 -1.77 4.71
CA VAL A 120 -7.01 -1.64 4.74
C VAL A 120 -6.56 -2.66 5.87
C VAL A 120 -6.47 -2.55 5.83
N ALA A 121 -5.63 -3.51 5.54
CA ALA A 121 -4.91 -4.34 6.49
C ALA A 121 -3.93 -3.44 7.27
N THR A 122 -3.61 -3.35 8.59
N THR A 122 -4.13 -3.77 8.59
CA THR A 122 -2.81 -2.42 9.42
CA THR A 122 -3.04 -3.44 9.44
C THR A 122 -1.88 -3.07 10.44
C THR A 122 -2.57 -4.73 10.01
N GLY A 123 -1.51 -4.22 10.61
CA GLY A 123 -0.73 -5.06 11.47
C GLY A 123 0.72 -4.67 11.46
N SER A 124 1.21 -4.07 10.34
CA SER A 124 2.50 -3.38 10.37
C SER A 124 2.21 -1.95 10.85
N LEU A 125 2.71 -1.61 12.03
CA LEU A 125 2.34 -0.40 12.68
C LEU A 125 2.78 0.85 11.94
N GLY A 126 2.04 1.91 12.14
CA GLY A 126 2.38 3.21 11.61
C GLY A 126 1.87 3.52 10.24
N GLN A 127 1.05 2.66 9.67
CA GLN A 127 0.57 2.83 8.30
C GLN A 127 -0.87 3.28 8.20
N GLY A 128 -1.66 3.09 9.25
CA GLY A 128 -3.08 3.35 9.14
C GLY A 128 -3.40 4.83 8.93
N LEU A 129 -2.64 5.73 9.54
CA LEU A 129 -2.96 7.14 9.44
C LEU A 129 -2.78 7.61 7.99
N GLY A 130 -1.76 7.10 7.29
CA GLY A 130 -1.61 7.48 5.90
C GLY A 130 -2.77 7.01 5.04
N ALA A 131 -3.23 5.77 5.28
CA ALA A 131 -4.41 5.32 4.54
C ALA A 131 -5.62 6.20 4.87
N ALA A 132 -5.79 6.54 6.14
CA ALA A 132 -6.87 7.40 6.59
C ALA A 132 -6.77 8.79 5.90
N CYS A 133 -5.55 9.31 5.75
CA CYS A 133 -5.38 10.56 5.04
C CYS A 133 -5.87 10.44 3.59
N GLY A 134 -5.57 9.31 2.92
CA GLY A 134 -6.08 9.13 1.56
C GLY A 134 -7.61 9.09 1.53
N MET A 135 -8.20 8.41 2.47
CA MET A 135 -9.67 8.37 2.57
C MET A 135 -10.24 9.77 2.80
N ALA A 136 -9.61 10.54 3.69
CA ALA A 136 -10.10 11.88 4.02
C ALA A 136 -9.92 12.83 2.85
N TYR A 137 -8.76 12.75 2.17
CA TYR A 137 -8.52 13.56 0.99
C TYR A 137 -9.59 13.29 -0.07
N THR A 138 -9.83 11.97 -0.26
CA THR A 138 -10.89 11.57 -1.21
C THR A 138 -12.22 12.13 -0.78
N GLY A 139 -12.58 12.03 0.50
CA GLY A 139 -13.86 12.55 0.95
C GLY A 139 -14.04 14.01 0.71
N LYS A 140 -12.99 14.80 0.99
CA LYS A 140 -13.10 16.24 0.94
C LYS A 140 -13.01 16.79 -0.47
N TYR A 141 -12.09 16.21 -1.30
CA TYR A 141 -11.75 16.81 -2.56
C TYR A 141 -12.26 16.07 -3.81
N PHE A 142 -12.50 14.76 -3.70
CA PHE A 142 -12.94 13.94 -4.84
C PHE A 142 -14.44 13.61 -4.71
N ASP A 143 -14.78 12.87 -3.68
CA ASP A 143 -16.19 12.60 -3.43
C ASP A 143 -16.96 13.83 -3.02
N LYS A 144 -16.35 14.77 -2.33
CA LYS A 144 -16.97 15.99 -1.83
C LYS A 144 -18.21 15.62 -1.01
N ALA A 145 -18.00 14.70 -0.08
CA ALA A 145 -19.07 14.04 0.68
C ALA A 145 -18.91 14.40 2.15
N SER A 146 -19.93 14.04 2.97
N SER A 146 -19.95 14.05 2.92
CA SER A 146 -19.99 14.42 4.36
CA SER A 146 -19.96 14.46 4.32
C SER A 146 -19.32 13.44 5.30
C SER A 146 -19.20 13.51 5.25
N TYR A 147 -18.85 12.30 4.82
CA TYR A 147 -18.29 11.32 5.75
C TYR A 147 -17.00 11.87 6.36
N ARG A 148 -16.75 11.41 7.58
CA ARG A 148 -15.55 11.72 8.33
C ARG A 148 -14.72 10.45 8.45
N VAL A 149 -13.44 10.65 8.80
CA VAL A 149 -12.47 9.58 8.89
C VAL A 149 -11.83 9.63 10.27
N TYR A 150 -11.83 8.48 10.95
CA TYR A 150 -11.31 8.34 12.29
C TYR A 150 -10.24 7.26 12.31
N CYS A 151 -9.08 7.54 12.91
CA CYS A 151 -7.97 6.59 12.92
C CYS A 151 -7.43 6.46 14.33
N LEU A 152 -7.42 5.24 14.86
CA LEU A 152 -6.93 4.94 16.19
C LEU A 152 -5.49 4.37 16.12
N LEU A 153 -4.58 5.05 16.81
CA LEU A 153 -3.17 4.72 16.84
C LEU A 153 -2.74 4.35 18.28
N GLY A 154 -1.70 3.54 18.38
CA GLY A 154 -1.03 3.33 19.64
C GLY A 154 0.02 4.41 19.91
N ASP A 155 0.56 4.43 21.14
CA ASP A 155 1.60 5.37 21.49
C ASP A 155 2.98 4.89 21.04
N GLY A 156 3.33 3.63 21.27
CA GLY A 156 4.53 3.10 20.70
C GLY A 156 4.59 3.29 19.20
N GLU A 157 3.45 3.08 18.54
CA GLU A 157 3.32 3.25 17.10
C GLU A 157 3.76 4.59 16.58
N LEU A 158 3.61 5.62 17.44
N LEU A 158 3.60 5.66 17.37
CA LEU A 158 3.96 6.96 17.07
CA LEU A 158 3.98 7.02 16.99
C LEU A 158 5.46 7.19 16.87
C LEU A 158 5.49 7.23 16.94
N SER A 159 6.28 6.20 17.24
CA SER A 159 7.69 6.25 16.90
C SER A 159 7.96 6.04 15.42
N GLU A 160 7.03 5.53 14.64
CA GLU A 160 7.25 5.30 13.22
C GLU A 160 7.21 6.64 12.47
N GLY A 161 8.24 6.88 11.64
CA GLY A 161 8.28 8.07 10.87
C GLY A 161 7.13 8.26 9.93
N SER A 162 6.61 7.17 9.41
CA SER A 162 5.48 7.23 8.50
C SER A 162 4.28 7.95 9.13
N VAL A 163 4.11 7.84 10.45
CA VAL A 163 3.02 8.54 11.11
C VAL A 163 3.16 10.04 10.94
N TRP A 164 4.39 10.53 11.10
CA TRP A 164 4.65 11.96 11.05
C TRP A 164 4.56 12.50 9.64
N GLU A 165 4.90 11.67 8.63
CA GLU A 165 4.63 12.05 7.25
C GLU A 165 3.12 12.29 7.06
N ALA A 166 2.30 11.37 7.61
CA ALA A 166 0.84 11.51 7.49
C ALA A 166 0.36 12.74 8.26
N MET A 167 0.90 12.97 9.45
N MET A 167 0.90 13.01 9.44
CA MET A 167 0.56 14.13 10.24
CA MET A 167 0.38 14.21 10.11
C MET A 167 0.76 15.42 9.39
C MET A 167 0.73 15.45 9.32
N ALA A 168 1.94 15.52 8.76
CA ALA A 168 2.27 16.67 7.97
C ALA A 168 1.36 16.77 6.75
N PHE A 169 1.08 15.67 6.08
CA PHE A 169 0.21 15.66 4.91
C PHE A 169 -1.16 16.23 5.25
N ALA A 170 -1.71 15.77 6.37
CA ALA A 170 -3.06 16.17 6.75
C ALA A 170 -3.15 17.66 6.99
N SER A 171 -2.10 18.27 7.57
N SER A 171 -2.10 18.26 7.56
CA SER A 171 -2.19 19.72 7.77
CA SER A 171 -1.99 19.69 7.80
C SER A 171 -1.90 20.46 6.47
C SER A 171 -1.91 20.42 6.46
N ILE A 172 -0.98 20.02 5.62
CA ILE A 172 -0.80 20.64 4.30
C ILE A 172 -2.11 20.69 3.56
N TYR A 173 -2.83 19.58 3.54
CA TYR A 173 -4.04 19.43 2.76
C TYR A 173 -5.32 19.73 3.53
N LYS A 174 -5.19 20.29 4.72
N LYS A 174 -5.16 20.28 4.72
CA LYS A 174 -6.35 20.83 5.42
CA LYS A 174 -6.26 20.80 5.52
C LYS A 174 -7.45 19.78 5.58
C LYS A 174 -7.40 19.80 5.59
N LEU A 175 -7.08 18.61 6.11
CA LEU A 175 -8.02 17.51 6.25
C LEU A 175 -8.83 17.66 7.54
N ASP A 176 -9.78 18.61 7.48
CA ASP A 176 -10.62 18.94 8.63
C ASP A 176 -11.77 17.95 8.80
N ASN A 177 -11.79 16.88 8.04
CA ASN A 177 -12.68 15.74 8.15
C ASN A 177 -11.98 14.53 8.75
N LEU A 178 -10.75 14.69 9.26
CA LEU A 178 -9.94 13.61 9.79
C LEU A 178 -9.68 13.83 11.27
N VAL A 179 -9.83 12.74 12.03
CA VAL A 179 -9.56 12.70 13.45
C VAL A 179 -8.62 11.53 13.71
N ALA A 180 -7.50 11.81 14.40
CA ALA A 180 -6.60 10.78 14.90
C ALA A 180 -6.85 10.67 16.40
N ILE A 181 -7.01 9.46 16.88
CA ILE A 181 -7.15 9.17 18.29
C ILE A 181 -5.90 8.43 18.72
N LEU A 182 -5.18 9.00 19.70
CA LEU A 182 -3.93 8.44 20.13
C LEU A 182 -4.17 7.75 21.49
N ASP A 183 -3.99 6.44 21.52
CA ASP A 183 -4.19 5.63 22.72
C ASP A 183 -2.90 5.66 23.54
N ILE A 184 -2.77 6.71 24.36
CA ILE A 184 -1.55 6.93 25.12
C ILE A 184 -1.64 6.10 26.43
N ASN A 185 -1.38 4.81 26.28
CA ASN A 185 -1.48 3.85 27.38
C ASN A 185 -0.16 3.59 28.04
N ARG A 186 0.85 4.43 27.76
CA ARG A 186 2.14 4.48 28.46
C ARG A 186 3.14 3.46 27.96
N LEU A 187 2.69 2.33 27.45
CA LEU A 187 3.49 1.15 27.22
C LEU A 187 3.46 0.74 25.76
N GLY A 188 4.58 0.24 25.28
CA GLY A 188 4.68 -0.50 24.04
C GLY A 188 4.72 -1.98 24.27
N GLN A 189 5.45 -2.70 23.43
CA GLN A 189 5.50 -4.16 23.53
C GLN A 189 6.39 -4.64 24.65
N SER A 190 7.60 -4.04 24.77
CA SER A 190 8.67 -4.59 25.57
C SER A 190 9.23 -3.59 26.57
N ASP A 191 8.59 -2.44 26.70
CA ASP A 191 9.04 -1.40 27.62
C ASP A 191 8.02 -0.27 27.54
N PRO A 192 8.08 0.70 28.43
CA PRO A 192 7.29 1.91 28.26
C PRO A 192 7.60 2.59 26.93
N ALA A 193 6.59 3.20 26.33
CA ALA A 193 6.83 4.06 25.17
C ALA A 193 7.68 5.22 25.60
N PRO A 194 8.50 5.81 24.72
CA PRO A 194 9.44 6.87 25.17
C PRO A 194 8.86 7.94 26.03
N LEU A 195 7.73 8.53 25.62
CA LEU A 195 7.15 9.67 26.31
C LEU A 195 6.23 9.27 27.46
N GLN A 196 5.92 8.01 27.65
CA GLN A 196 5.08 7.57 28.74
C GLN A 196 3.80 8.43 28.80
N HIS A 197 3.50 9.00 29.98
CA HIS A 197 2.29 9.81 30.15
C HIS A 197 2.61 11.29 30.18
N GLN A 198 3.62 11.71 29.44
CA GLN A 198 3.94 13.12 29.24
C GLN A 198 3.02 13.69 28.18
N MET A 199 1.76 13.90 28.54
CA MET A 199 0.72 14.26 27.61
C MET A 199 1.02 15.57 26.93
N ASP A 200 1.64 16.51 27.65
CA ASP A 200 1.94 17.80 27.09
C ASP A 200 2.92 17.71 25.93
N ILE A 201 3.85 16.74 25.95
N ILE A 201 3.86 16.75 25.93
CA ILE A 201 4.81 16.61 24.85
CA ILE A 201 4.78 16.66 24.82
C ILE A 201 4.13 16.05 23.63
C ILE A 201 4.05 16.12 23.61
N TYR A 202 3.20 15.11 23.78
CA TYR A 202 2.39 14.69 22.65
C TYR A 202 1.63 15.87 22.06
N GLN A 203 1.00 16.68 22.92
N GLN A 203 1.02 16.69 22.95
CA GLN A 203 0.27 17.82 22.42
CA GLN A 203 0.23 17.81 22.50
C GLN A 203 1.18 18.78 21.63
C GLN A 203 1.11 18.77 21.68
N LYS A 204 2.33 19.13 22.19
N LYS A 204 2.33 19.04 22.12
CA LYS A 204 3.29 19.98 21.49
CA LYS A 204 3.15 20.00 21.39
C LYS A 204 3.67 19.40 20.13
C LYS A 204 3.62 19.41 20.07
N ARG A 205 3.92 18.12 20.03
CA ARG A 205 4.31 17.50 18.75
C ARG A 205 3.17 17.61 17.74
N CYS A 206 1.95 17.26 18.15
CA CYS A 206 0.82 17.33 17.25
C CYS A 206 0.56 18.77 16.80
N GLU A 207 0.63 19.73 17.73
CA GLU A 207 0.38 21.11 17.36
C GLU A 207 1.46 21.64 16.44
N ALA A 208 2.73 21.24 16.63
CA ALA A 208 3.81 21.70 15.79
C ALA A 208 3.64 21.22 14.37
N PHE A 209 2.97 20.06 14.19
CA PHE A 209 2.67 19.48 12.90
C PHE A 209 1.29 19.94 12.35
N GLY A 210 0.69 20.96 12.99
CA GLY A 210 -0.46 21.62 12.41
C GLY A 210 -1.80 21.08 12.81
N TRP A 211 -1.88 20.20 13.77
CA TRP A 211 -3.14 19.61 14.22
C TRP A 211 -3.71 20.40 15.39
N HIS A 212 -5.05 20.38 15.49
CA HIS A 212 -5.71 20.81 16.71
C HIS A 212 -5.66 19.64 17.68
N ALA A 213 -5.08 19.82 18.84
CA ALA A 213 -4.79 18.73 19.76
C ALA A 213 -5.53 18.91 21.05
N ILE A 214 -6.26 17.90 21.48
CA ILE A 214 -7.07 17.90 22.69
C ILE A 214 -6.63 16.74 23.58
N ILE A 215 -6.19 17.01 24.77
CA ILE A 215 -5.89 15.95 25.74
C ILE A 215 -7.16 15.59 26.48
N VAL A 216 -7.45 14.30 26.55
CA VAL A 216 -8.63 13.80 27.28
C VAL A 216 -8.22 12.65 28.19
N ASP A 217 -9.10 12.38 29.18
CA ASP A 217 -9.13 11.10 29.90
C ASP A 217 -9.73 10.07 28.98
N GLY A 218 -8.93 9.15 28.45
CA GLY A 218 -9.39 8.17 27.52
C GLY A 218 -10.31 7.12 28.08
N HIS A 219 -10.55 7.14 29.38
CA HIS A 219 -11.52 6.24 29.99
C HIS A 219 -12.77 7.00 30.47
N SER A 220 -12.94 8.26 30.07
CA SER A 220 -14.13 9.01 30.34
C SER A 220 -15.03 9.08 29.11
N VAL A 221 -16.11 8.33 29.12
CA VAL A 221 -17.03 8.39 27.93
C VAL A 221 -17.51 9.79 27.75
N GLU A 222 -17.76 10.56 28.78
CA GLU A 222 -18.26 11.91 28.57
C GLU A 222 -17.26 12.78 27.89
N GLU A 223 -16.00 12.78 28.30
CA GLU A 223 -14.96 13.61 27.72
C GLU A 223 -14.75 13.22 26.25
N LEU A 224 -14.83 11.92 25.97
CA LEU A 224 -14.69 11.46 24.60
C LEU A 224 -15.85 11.93 23.73
N CYS A 225 -17.09 11.77 24.23
CA CYS A 225 -18.22 12.24 23.45
C CYS A 225 -18.06 13.72 23.08
N LYS A 226 -17.66 14.50 24.06
CA LYS A 226 -17.56 15.95 23.89
C LYS A 226 -16.45 16.28 22.90
N ALA A 227 -15.26 15.66 23.06
CA ALA A 227 -14.13 15.93 22.18
C ALA A 227 -14.42 15.50 20.73
N PHE A 228 -15.05 14.38 20.55
CA PHE A 228 -15.41 13.91 19.23
C PHE A 228 -16.56 14.72 18.61
N GLY A 229 -17.34 15.40 19.43
CA GLY A 229 -18.56 16.01 18.97
C GLY A 229 -18.35 17.38 18.38
N GLN A 230 -17.17 17.99 18.53
CA GLN A 230 -16.93 19.28 17.78
C GLN A 230 -16.05 19.06 16.61
N ALA A 231 -16.53 19.49 15.40
CA ALA A 231 -15.68 19.66 14.18
C ALA A 231 -14.79 20.83 14.29
N LYS A 232 -13.61 20.75 13.65
N LYS A 232 -13.66 20.85 13.64
CA LYS A 232 -12.61 21.79 13.54
CA LYS A 232 -12.41 21.60 13.67
C LYS A 232 -12.22 22.08 12.14
C LYS A 232 -12.44 22.31 12.31
N HIS A 233 -11.53 23.15 11.91
CA HIS A 233 -11.00 23.54 10.64
C HIS A 233 -9.65 23.08 10.33
N GLN A 234 -9.25 22.05 11.23
CA GLN A 234 -7.99 21.42 11.06
C GLN A 234 -8.12 19.94 11.30
N PRO A 235 -7.19 19.12 10.87
CA PRO A 235 -7.15 17.75 11.38
C PRO A 235 -7.01 17.81 12.92
N THR A 236 -7.73 16.90 13.58
CA THR A 236 -7.84 16.95 15.06
C THR A 236 -7.26 15.69 15.66
N ALA A 237 -6.38 15.88 16.65
CA ALA A 237 -5.77 14.80 17.40
C ALA A 237 -6.40 14.75 18.79
N ILE A 238 -7.03 13.64 19.11
CA ILE A 238 -7.58 13.40 20.45
C ILE A 238 -6.53 12.53 21.14
N ILE A 239 -5.84 13.16 22.10
CA ILE A 239 -4.70 12.59 22.76
C ILE A 239 -5.20 12.00 24.07
N ALA A 240 -5.44 10.69 24.08
CA ALA A 240 -6.19 10.05 25.14
C ALA A 240 -5.25 9.39 26.15
N LYS A 241 -5.28 9.88 27.38
CA LYS A 241 -4.52 9.28 28.45
C LYS A 241 -5.27 8.02 28.92
N THR A 242 -4.67 6.87 28.76
CA THR A 242 -5.28 5.59 29.07
C THR A 242 -4.30 4.72 29.85
N PHE A 243 -4.79 3.61 30.34
CA PHE A 243 -3.97 2.60 30.98
C PHE A 243 -4.08 1.30 30.21
N LYS A 244 -2.94 0.70 29.91
CA LYS A 244 -2.92 -0.57 29.20
C LYS A 244 -3.54 -1.61 30.09
N GLY A 245 -4.41 -2.49 29.52
CA GLY A 245 -5.08 -3.43 30.37
C GLY A 245 -6.12 -2.82 31.29
N ARG A 246 -6.63 -1.63 30.97
CA ARG A 246 -7.64 -0.97 31.78
C ARG A 246 -8.78 -1.92 32.11
N GLY A 247 -9.11 -2.01 33.39
CA GLY A 247 -10.21 -2.83 33.85
C GLY A 247 -9.86 -4.24 34.23
N ILE A 248 -8.62 -4.65 33.96
CA ILE A 248 -8.14 -5.97 34.34
C ILE A 248 -7.32 -5.80 35.63
N THR A 249 -7.94 -6.14 36.74
N THR A 249 -7.97 -6.10 36.77
CA THR A 249 -7.34 -5.87 38.01
CA THR A 249 -7.31 -5.90 38.05
C THR A 249 -6.03 -6.62 38.13
C THR A 249 -5.98 -6.67 38.06
N GLY A 250 -4.99 -5.94 38.55
CA GLY A 250 -3.68 -6.46 38.66
C GLY A 250 -2.84 -6.54 37.37
N VAL A 251 -3.41 -6.26 36.27
CA VAL A 251 -2.73 -6.16 34.96
C VAL A 251 -2.68 -4.74 34.46
N GLU A 252 -3.70 -3.95 34.78
CA GLU A 252 -3.75 -2.57 34.36
C GLU A 252 -2.45 -1.84 34.71
N ASP A 253 -1.87 -1.19 33.70
CA ASP A 253 -0.67 -0.36 33.87
C ASP A 253 0.60 -1.15 34.13
N LYS A 254 0.60 -2.46 33.92
CA LYS A 254 1.77 -3.28 34.17
C LYS A 254 2.49 -3.68 32.88
N GLU A 255 3.82 -3.81 33.01
N GLU A 255 3.82 -3.80 33.00
CA GLU A 255 4.69 -4.43 32.02
CA GLU A 255 4.59 -4.41 31.95
C GLU A 255 4.46 -5.92 32.00
C GLU A 255 4.46 -5.92 31.95
N SER A 256 5.04 -6.57 30.97
N SER A 256 5.00 -6.52 30.89
CA SER A 256 5.04 -7.99 30.78
CA SER A 256 5.09 -7.97 30.73
C SER A 256 3.70 -8.58 30.41
C SER A 256 3.79 -8.59 30.22
N TRP A 257 2.82 -7.78 29.84
CA TRP A 257 1.50 -8.27 29.42
C TRP A 257 1.13 -7.97 27.99
N HIS A 258 2.00 -7.33 27.21
CA HIS A 258 1.66 -7.07 25.83
C HIS A 258 1.59 -8.37 25.05
N GLY A 259 0.49 -8.59 24.33
CA GLY A 259 0.39 -9.76 23.49
C GLY A 259 0.32 -11.07 24.26
N LYS A 260 -0.12 -11.03 25.49
CA LYS A 260 -0.26 -12.20 26.35
C LYS A 260 -1.74 -12.36 26.71
N PRO A 261 -2.32 -13.53 26.39
N PRO A 261 -2.49 -13.33 26.23
CA PRO A 261 -3.72 -13.79 26.72
CA PRO A 261 -3.86 -13.48 26.76
C PRO A 261 -3.79 -14.11 28.20
C PRO A 261 -3.84 -13.87 28.22
N LEU A 262 -4.98 -13.92 28.77
N LEU A 262 -5.04 -13.77 28.80
CA LEU A 262 -5.21 -14.33 30.16
CA LEU A 262 -5.25 -14.30 30.15
C LEU A 262 -5.38 -15.84 30.21
C LEU A 262 -5.48 -15.81 30.10
N PRO A 263 -4.82 -16.55 31.16
N PRO A 263 -4.89 -16.56 31.03
CA PRO A 263 -5.16 -18.00 31.21
CA PRO A 263 -5.25 -17.99 31.20
C PRO A 263 -6.59 -18.13 31.70
C PRO A 263 -6.74 -18.11 31.43
N LYS A 264 -7.16 -19.31 31.43
N LYS A 264 -7.33 -19.26 31.07
CA LYS A 264 -8.61 -19.46 31.48
CA LYS A 264 -8.70 -19.54 31.41
C LYS A 264 -9.13 -19.17 32.86
C LYS A 264 -9.12 -19.21 32.84
N ASN A 265 -8.40 -19.62 33.88
CA ASN A 265 -8.84 -19.40 35.25
C ASN A 265 -8.93 -17.94 35.56
N MET A 266 -7.96 -17.18 35.07
CA MET A 266 -7.88 -15.74 35.29
C MET A 266 -8.96 -15.01 34.52
N ALA A 267 -9.13 -15.38 33.25
CA ALA A 267 -10.18 -14.78 32.44
C ALA A 267 -11.52 -14.92 33.13
N GLU A 268 -11.85 -16.07 33.69
N GLU A 268 -11.82 -16.10 33.65
CA GLU A 268 -13.15 -16.23 34.33
CA GLU A 268 -13.10 -16.25 34.33
C GLU A 268 -13.33 -15.28 35.50
C GLU A 268 -13.29 -15.23 35.44
N GLN A 269 -12.28 -15.12 36.31
CA GLN A 269 -12.38 -14.23 37.46
C GLN A 269 -12.51 -12.76 37.03
N ILE A 270 -11.67 -12.35 36.05
CA ILE A 270 -11.69 -10.97 35.58
C ILE A 270 -13.01 -10.65 34.91
N ILE A 271 -13.51 -11.56 34.07
CA ILE A 271 -14.77 -11.32 33.38
C ILE A 271 -15.90 -11.12 34.39
N GLN A 272 -15.93 -11.94 35.47
CA GLN A 272 -16.99 -11.73 36.47
C GLN A 272 -16.90 -10.37 37.08
N GLU A 273 -15.69 -9.88 37.41
N GLU A 273 -15.68 -9.87 37.32
CA GLU A 273 -15.47 -8.54 37.92
CA GLU A 273 -15.59 -8.54 37.91
C GLU A 273 -16.02 -7.50 36.91
C GLU A 273 -15.94 -7.41 36.94
N ILE A 274 -15.65 -7.58 35.66
CA ILE A 274 -16.06 -6.59 34.68
C ILE A 274 -17.60 -6.64 34.54
N TYR A 275 -18.13 -7.84 34.45
N TYR A 275 -18.18 -7.85 34.43
CA TYR A 275 -19.58 -8.01 34.25
CA TYR A 275 -19.63 -8.00 34.26
C TYR A 275 -20.35 -7.40 35.40
C TYR A 275 -20.35 -7.28 35.41
N SER A 276 -19.78 -7.42 36.61
CA SER A 276 -20.47 -6.86 37.79
C SER A 276 -20.60 -5.36 37.68
N GLN A 277 -19.88 -4.70 36.80
CA GLN A 277 -19.95 -3.27 36.57
C GLN A 277 -20.96 -2.85 35.52
N ILE A 278 -21.50 -3.82 34.81
CA ILE A 278 -22.44 -3.50 33.70
C ILE A 278 -23.84 -3.34 34.23
N GLN A 279 -24.46 -2.20 33.97
N GLN A 279 -24.49 -2.21 33.93
CA GLN A 279 -25.78 -1.88 34.54
CA GLN A 279 -25.79 -1.96 34.55
C GLN A 279 -26.93 -2.48 33.73
C GLN A 279 -27.00 -2.24 33.67
N SER A 280 -26.80 -2.55 32.40
CA SER A 280 -27.89 -3.04 31.55
C SER A 280 -27.34 -3.81 30.36
N LYS A 281 -28.05 -4.82 29.92
CA LYS A 281 -27.69 -5.60 28.80
C LYS A 281 -28.13 -4.98 27.49
N LYS A 282 -28.96 -3.94 27.56
CA LYS A 282 -29.52 -3.40 26.33
C LYS A 282 -28.44 -2.70 25.53
N LYS A 283 -28.39 -2.96 24.23
CA LYS A 283 -27.38 -2.39 23.41
C LYS A 283 -27.81 -1.11 22.70
N ILE A 284 -26.90 -0.20 22.51
CA ILE A 284 -27.09 1.00 21.70
C ILE A 284 -27.06 0.65 20.24
N LEU A 285 -27.88 1.30 19.44
CA LEU A 285 -27.90 1.17 17.98
C LEU A 285 -26.98 2.18 17.27
N ALA A 286 -26.38 1.78 16.18
CA ALA A 286 -25.66 2.62 15.30
C ALA A 286 -26.58 3.66 14.68
N THR A 287 -26.07 4.78 14.25
CA THR A 287 -26.80 5.81 13.55
C THR A 287 -26.34 5.94 12.12
N PRO A 288 -27.25 6.00 11.12
CA PRO A 288 -26.82 6.01 9.70
C PRO A 288 -26.33 7.33 9.14
N PRO A 289 -25.63 7.28 8.06
CA PRO A 289 -25.01 8.48 7.43
C PRO A 289 -25.92 9.24 6.49
N GLN A 290 -25.61 10.50 6.23
N GLN A 290 -25.46 10.46 6.18
CA GLN A 290 -26.08 11.25 5.09
CA GLN A 290 -26.01 11.21 5.08
C GLN A 290 -25.54 10.68 3.77
C GLN A 290 -25.54 10.63 3.76
N GLU A 291 -26.46 10.43 2.82
CA GLU A 291 -26.12 9.67 1.63
C GLU A 291 -25.76 10.63 0.48
N ASP A 292 -24.56 11.21 0.59
CA ASP A 292 -24.17 12.23 -0.36
C ASP A 292 -22.90 11.91 -1.11
N ALA A 293 -22.33 10.78 -1.01
CA ALA A 293 -21.25 10.27 -1.85
C ALA A 293 -21.78 10.04 -3.26
N PRO A 294 -21.03 10.48 -4.28
CA PRO A 294 -21.50 10.29 -5.63
C PRO A 294 -21.33 8.87 -6.17
N SER A 295 -22.00 8.59 -7.28
N SER A 295 -21.99 8.61 -7.30
CA SER A 295 -21.71 7.34 -7.97
CA SER A 295 -21.77 7.40 -8.11
C SER A 295 -20.34 7.44 -8.63
C SER A 295 -20.36 7.44 -8.70
N VAL A 296 -19.71 6.29 -8.71
CA VAL A 296 -18.42 6.16 -9.41
C VAL A 296 -18.61 5.08 -10.46
N ASP A 297 -18.10 5.30 -11.69
CA ASP A 297 -18.36 4.25 -12.71
C ASP A 297 -17.30 3.18 -12.55
N ILE A 298 -17.63 1.97 -12.97
CA ILE A 298 -16.76 0.81 -12.80
C ILE A 298 -16.22 0.24 -14.10
N ALA A 299 -16.49 0.90 -15.21
CA ALA A 299 -16.18 0.40 -16.54
C ALA A 299 -14.70 0.42 -16.82
N ASN A 300 -14.25 -0.35 -17.82
N ASN A 300 -14.24 -0.42 -17.75
CA ASN A 300 -12.95 -0.25 -18.43
CA ASN A 300 -12.82 -0.35 -18.09
C ASN A 300 -12.60 1.18 -18.84
C ASN A 300 -12.58 1.05 -18.65
N ILE A 301 -11.38 1.56 -18.58
CA ILE A 301 -10.82 2.83 -18.91
C ILE A 301 -10.00 2.62 -20.16
N ARG A 302 -10.30 3.28 -21.22
CA ARG A 302 -9.59 3.12 -22.49
C ARG A 302 -8.91 4.41 -22.90
N MET A 303 -7.72 4.31 -23.45
CA MET A 303 -7.07 5.48 -24.06
C MET A 303 -7.96 6.06 -25.11
N PRO A 304 -8.01 7.42 -25.27
CA PRO A 304 -8.90 7.96 -26.25
C PRO A 304 -8.53 7.74 -27.70
N SER A 305 -7.31 7.33 -28.00
CA SER A 305 -6.80 7.01 -29.33
C SER A 305 -5.57 6.10 -29.18
N LEU A 306 -5.17 5.48 -30.28
CA LEU A 306 -3.91 4.72 -30.29
C LEU A 306 -2.75 5.64 -30.00
N PRO A 307 -1.61 5.07 -29.65
CA PRO A 307 -0.41 5.90 -29.53
C PRO A 307 -0.13 6.60 -30.89
N SER A 308 0.52 7.73 -30.74
CA SER A 308 0.85 8.51 -31.93
C SER A 308 2.35 8.75 -32.08
N TYR A 309 3.15 7.82 -31.66
CA TYR A 309 4.58 7.80 -31.86
C TYR A 309 4.89 7.47 -33.31
N LYS A 310 6.11 7.63 -33.70
CA LYS A 310 6.62 7.26 -35.01
C LYS A 310 7.88 6.38 -34.85
N VAL A 311 7.84 5.22 -35.51
CA VAL A 311 8.97 4.31 -35.50
C VAL A 311 10.24 5.03 -35.90
N GLY A 312 11.28 4.84 -35.09
CA GLY A 312 12.54 5.54 -35.28
C GLY A 312 12.76 6.84 -34.58
N ASP A 313 11.65 7.43 -34.13
CA ASP A 313 11.80 8.61 -33.26
C ASP A 313 12.33 8.11 -31.92
N LYS A 314 12.84 9.04 -31.13
CA LYS A 314 13.46 8.67 -29.85
C LYS A 314 12.67 9.32 -28.73
N ILE A 315 12.34 8.57 -27.67
CA ILE A 315 11.77 9.16 -26.47
C ILE A 315 12.16 8.25 -25.30
N ALA A 316 12.36 8.85 -24.14
CA ALA A 316 12.58 8.07 -22.95
C ALA A 316 11.25 7.48 -22.45
N THR A 317 11.28 6.25 -21.94
CA THR A 317 10.02 5.70 -21.44
C THR A 317 9.52 6.50 -20.24
N ARG A 318 10.37 7.18 -19.46
CA ARG A 318 9.83 8.03 -18.39
C ARG A 318 8.94 9.13 -18.96
N LYS A 319 9.31 9.72 -20.12
N LYS A 319 9.34 9.73 -20.10
CA LYS A 319 8.51 10.82 -20.65
CA LYS A 319 8.55 10.81 -20.70
C LYS A 319 7.23 10.25 -21.31
C LYS A 319 7.25 10.23 -21.27
N ALA A 320 7.38 9.08 -21.95
CA ALA A 320 6.19 8.41 -22.50
C ALA A 320 5.20 8.10 -21.38
N TYR A 321 5.68 7.74 -20.19
CA TYR A 321 4.75 7.49 -19.07
C TYR A 321 3.93 8.72 -18.76
N GLY A 322 4.61 9.87 -18.60
CA GLY A 322 3.84 11.08 -18.26
C GLY A 322 2.86 11.45 -19.35
N GLN A 323 3.27 11.33 -20.60
CA GLN A 323 2.38 11.61 -21.72
C GLN A 323 1.17 10.66 -21.69
N ALA A 324 1.42 9.39 -21.46
CA ALA A 324 0.36 8.41 -21.48
C ALA A 324 -0.60 8.58 -20.32
N LEU A 325 -0.06 8.91 -19.15
CA LEU A 325 -0.92 9.11 -17.97
C LEU A 325 -1.81 10.31 -18.17
N ALA A 326 -1.25 11.41 -18.69
CA ALA A 326 -2.06 12.60 -18.97
C ALA A 326 -3.14 12.25 -20.00
N LYS A 327 -2.79 11.48 -21.02
CA LYS A 327 -3.77 11.12 -22.04
C LYS A 327 -4.91 10.32 -21.43
N LEU A 328 -4.55 9.31 -20.59
CA LEU A 328 -5.53 8.50 -19.95
C LEU A 328 -6.45 9.31 -19.01
N GLY A 329 -5.91 10.33 -18.37
CA GLY A 329 -6.69 11.21 -17.55
C GLY A 329 -7.77 11.93 -18.27
N HIS A 330 -7.67 12.13 -19.57
CA HIS A 330 -8.76 12.72 -20.38
C HIS A 330 -9.89 11.73 -20.61
N ALA A 331 -9.61 10.44 -20.48
CA ALA A 331 -10.63 9.44 -20.75
C ALA A 331 -11.47 9.10 -19.56
N SER A 332 -10.82 9.32 -18.43
CA SER A 332 -11.58 9.03 -17.22
C SER A 332 -11.26 9.89 -16.03
N ASP A 333 -12.28 10.35 -15.32
CA ASP A 333 -12.06 11.16 -14.11
C ASP A 333 -11.62 10.38 -12.89
N ARG A 334 -11.65 9.07 -12.98
CA ARG A 334 -11.23 8.19 -11.90
C ARG A 334 -9.68 8.18 -11.73
N ILE A 335 -8.93 8.52 -12.76
CA ILE A 335 -7.49 8.47 -12.69
C ILE A 335 -7.00 9.64 -11.83
N ILE A 336 -6.16 9.31 -10.85
CA ILE A 336 -5.46 10.32 -10.07
C ILE A 336 -3.97 9.98 -10.11
N ALA A 337 -3.14 10.99 -9.89
CA ALA A 337 -1.69 10.85 -9.92
C ALA A 337 -1.11 11.40 -8.64
N LEU A 338 -0.12 10.73 -8.11
CA LEU A 338 0.61 11.11 -6.92
C LEU A 338 2.10 11.05 -7.23
N ASP A 339 2.88 11.95 -6.63
CA ASP A 339 4.34 11.93 -6.88
C ASP A 339 5.02 12.54 -5.67
N GLY A 340 6.24 12.12 -5.42
CA GLY A 340 7.02 12.56 -4.27
C GLY A 340 8.12 13.54 -4.57
N ASP A 341 7.74 14.75 -4.98
CA ASP A 341 8.68 15.82 -5.33
C ASP A 341 9.62 15.43 -6.47
N THR A 342 9.17 14.55 -7.36
CA THR A 342 9.97 14.09 -8.48
C THR A 342 9.23 14.29 -9.82
N LYS A 343 8.18 15.08 -9.85
CA LYS A 343 7.33 15.16 -11.04
C LYS A 343 8.04 15.64 -12.30
N ASN A 344 9.07 16.45 -12.19
N ASN A 344 9.12 16.38 -12.13
CA ASN A 344 9.84 16.87 -13.35
CA ASN A 344 9.89 16.93 -13.24
C ASN A 344 10.77 15.77 -13.85
C ASN A 344 10.96 15.91 -13.69
N SER A 345 11.13 14.80 -13.01
CA SER A 345 12.00 13.68 -13.35
C SER A 345 11.23 12.50 -13.89
N THR A 346 10.06 12.22 -13.28
CA THR A 346 9.22 11.10 -13.70
C THR A 346 8.28 11.46 -14.85
N PHE A 347 8.11 12.77 -15.08
CA PHE A 347 7.18 13.35 -16.02
C PHE A 347 5.71 13.25 -15.64
N SER A 348 5.40 12.95 -14.38
CA SER A 348 4.07 13.09 -13.87
C SER A 348 3.64 14.55 -13.91
N GLU A 349 4.57 15.49 -14.05
CA GLU A 349 4.20 16.89 -14.20
C GLU A 349 3.30 17.10 -15.40
N ILE A 350 3.34 16.27 -16.42
CA ILE A 350 2.47 16.44 -17.56
C ILE A 350 1.03 16.24 -17.14
N PHE A 351 0.75 15.21 -16.33
CA PHE A 351 -0.58 15.03 -15.76
C PHE A 351 -0.99 16.20 -14.90
N LYS A 352 -0.08 16.68 -14.06
CA LYS A 352 -0.41 17.83 -13.20
C LYS A 352 -0.86 19.03 -14.04
N LYS A 353 -0.16 19.27 -15.14
CA LYS A 353 -0.48 20.41 -15.99
C LYS A 353 -1.90 20.32 -16.56
N GLU A 354 -2.25 19.11 -17.01
CA GLU A 354 -3.53 18.93 -17.66
C GLU A 354 -4.70 18.69 -16.70
N HIS A 355 -4.45 18.07 -15.57
CA HIS A 355 -5.47 17.60 -14.64
C HIS A 355 -5.11 17.98 -13.22
N PRO A 356 -4.88 19.25 -12.92
CA PRO A 356 -4.29 19.63 -11.62
C PRO A 356 -5.15 19.21 -10.44
N ASP A 357 -6.47 19.18 -10.60
CA ASP A 357 -7.33 18.83 -9.48
C ASP A 357 -7.21 17.37 -9.07
N ARG A 358 -6.59 16.55 -9.91
CA ARG A 358 -6.44 15.12 -9.67
C ARG A 358 -4.98 14.71 -9.47
N PHE A 359 -4.11 15.68 -9.23
CA PHE A 359 -2.71 15.43 -8.90
C PHE A 359 -2.52 15.70 -7.41
N ILE A 360 -1.84 14.81 -6.70
CA ILE A 360 -1.53 14.97 -5.30
C ILE A 360 -0.02 15.02 -5.11
N GLU A 361 0.50 16.18 -4.79
CA GLU A 361 1.91 16.33 -4.42
C GLU A 361 2.14 15.74 -3.05
N CYS A 362 2.94 14.71 -2.94
CA CYS A 362 3.19 14.03 -1.70
C CYS A 362 4.50 14.42 -1.02
N TYR A 363 5.33 15.20 -1.70
CA TYR A 363 6.59 15.67 -1.15
C TYR A 363 7.55 14.48 -0.94
N ILE A 364 8.65 14.70 -0.25
CA ILE A 364 9.71 13.67 -0.19
C ILE A 364 9.36 12.74 0.99
N ALA A 365 8.40 11.82 0.68
CA ALA A 365 7.72 11.01 1.71
C ALA A 365 7.07 9.81 1.00
N GLU A 366 7.90 8.90 0.53
CA GLU A 366 7.45 7.79 -0.30
C GLU A 366 6.53 6.83 0.46
N GLN A 367 6.81 6.62 1.75
CA GLN A 367 5.99 5.75 2.56
C GLN A 367 4.56 6.23 2.55
N ASN A 368 4.43 7.50 2.91
CA ASN A 368 3.11 8.07 2.99
C ASN A 368 2.46 8.10 1.60
N MET A 369 3.20 8.39 0.55
CA MET A 369 2.59 8.44 -0.77
C MET A 369 1.88 7.13 -1.09
N VAL A 370 2.54 6.00 -0.86
CA VAL A 370 1.91 4.71 -1.13
C VAL A 370 0.65 4.54 -0.27
N SER A 371 0.71 4.88 1.00
CA SER A 371 -0.46 4.76 1.86
C SER A 371 -1.60 5.68 1.41
N ILE A 372 -1.30 6.89 0.96
CA ILE A 372 -2.33 7.77 0.42
C ILE A 372 -3.02 7.09 -0.75
N ALA A 373 -2.23 6.52 -1.66
CA ALA A 373 -2.79 5.84 -2.83
C ALA A 373 -3.69 4.70 -2.40
N VAL A 374 -3.24 3.87 -1.43
CA VAL A 374 -4.06 2.79 -0.93
C VAL A 374 -5.38 3.33 -0.39
N GLY A 375 -5.33 4.37 0.40
CA GLY A 375 -6.56 4.95 0.92
C GLY A 375 -7.47 5.50 -0.16
N CYS A 376 -6.92 6.15 -1.18
CA CYS A 376 -7.72 6.66 -2.27
C CYS A 376 -8.39 5.55 -3.09
N ALA A 377 -7.76 4.39 -3.17
CA ALA A 377 -8.29 3.27 -3.93
C ALA A 377 -9.36 2.50 -3.16
N THR A 378 -9.44 2.69 -1.84
CA THR A 378 -10.43 1.93 -1.09
C THR A 378 -11.83 2.27 -1.59
N ARG A 379 -12.68 1.23 -1.52
CA ARG A 379 -14.06 1.31 -1.99
C ARG A 379 -14.11 1.74 -3.44
N ASN A 380 -13.03 1.50 -4.23
CA ASN A 380 -12.97 1.78 -5.63
C ASN A 380 -13.26 3.22 -5.94
N ARG A 381 -12.90 4.16 -5.07
CA ARG A 381 -13.27 5.55 -5.34
C ARG A 381 -12.44 6.21 -6.40
N THR A 382 -11.19 5.79 -6.57
CA THR A 382 -10.26 6.32 -7.56
C THR A 382 -9.38 5.21 -8.09
N VAL A 383 -8.65 5.50 -9.15
CA VAL A 383 -7.64 4.63 -9.77
C VAL A 383 -6.30 5.38 -9.69
N PRO A 384 -5.54 5.16 -8.62
N PRO A 384 -5.47 5.08 -8.68
CA PRO A 384 -4.28 5.91 -8.40
CA PRO A 384 -4.30 5.95 -8.49
C PRO A 384 -3.06 5.39 -9.15
C PRO A 384 -3.07 5.39 -9.18
N PHE A 385 -2.26 6.35 -9.65
CA PHE A 385 -0.92 6.12 -10.19
C PHE A 385 0.07 6.94 -9.40
N CYS A 386 0.93 6.25 -8.63
N CYS A 386 0.97 6.31 -8.66
CA CYS A 386 2.05 6.86 -7.91
CA CYS A 386 1.96 7.05 -7.87
C CYS A 386 3.33 6.82 -8.69
C CYS A 386 3.33 6.81 -8.47
N SER A 387 4.14 7.85 -8.55
CA SER A 387 5.44 7.77 -9.17
C SER A 387 6.52 8.44 -8.36
N THR A 388 7.72 7.89 -8.52
CA THR A 388 8.98 8.39 -8.04
C THR A 388 10.06 7.62 -8.80
N PHE A 389 11.32 7.78 -8.39
CA PHE A 389 12.38 6.93 -8.91
C PHE A 389 12.12 5.51 -8.38
N ALA A 390 12.31 4.47 -9.21
CA ALA A 390 12.12 3.12 -8.74
C ALA A 390 12.97 2.82 -7.51
N ALA A 391 14.19 3.39 -7.42
CA ALA A 391 15.03 3.15 -6.28
C ALA A 391 14.35 3.56 -4.99
N PHE A 392 13.58 4.65 -5.02
CA PHE A 392 12.99 5.19 -3.81
C PHE A 392 11.69 4.48 -3.46
N PHE A 393 11.15 3.61 -4.32
CA PHE A 393 10.09 2.74 -3.86
C PHE A 393 10.59 1.74 -2.83
N THR A 394 11.91 1.48 -2.77
CA THR A 394 12.40 0.62 -1.70
C THR A 394 12.09 1.23 -0.32
N ARG A 395 11.94 2.54 -0.21
N ARG A 395 12.01 2.54 -0.26
CA ARG A 395 11.62 3.23 1.05
CA ARG A 395 11.66 3.22 1.00
C ARG A 395 10.23 2.84 1.52
C ARG A 395 10.26 2.89 1.45
N ALA A 396 9.39 2.41 0.58
CA ALA A 396 7.98 2.14 0.83
C ALA A 396 7.65 0.66 0.72
N PHE A 397 8.65 -0.25 0.79
CA PHE A 397 8.37 -1.67 0.56
C PHE A 397 7.36 -2.20 1.56
N ASP A 398 7.43 -1.83 2.85
CA ASP A 398 6.47 -2.39 3.79
C ASP A 398 5.06 -1.89 3.46
N GLN A 399 4.91 -0.64 3.03
CA GLN A 399 3.60 -0.13 2.59
C GLN A 399 3.09 -0.91 1.39
N ILE A 400 3.98 -1.23 0.45
CA ILE A 400 3.61 -2.02 -0.74
C ILE A 400 3.21 -3.45 -0.37
N ARG A 401 4.01 -4.05 0.53
CA ARG A 401 3.73 -5.38 1.06
C ARG A 401 2.36 -5.41 1.70
N MET A 402 2.08 -4.43 2.55
CA MET A 402 0.79 -4.32 3.21
C MET A 402 -0.32 -3.98 2.24
N ALA A 403 -0.03 -3.29 1.15
CA ALA A 403 -1.03 -2.99 0.13
C ALA A 403 -1.52 -4.29 -0.49
N ALA A 404 -0.64 -5.26 -0.70
CA ALA A 404 -1.07 -6.57 -1.23
C ALA A 404 -1.91 -7.33 -0.21
N ILE A 405 -1.52 -7.28 1.06
CA ILE A 405 -2.33 -7.89 2.13
C ILE A 405 -3.70 -7.19 2.21
N SER A 406 -3.75 -5.92 1.84
CA SER A 406 -4.97 -5.13 1.78
C SER A 406 -5.75 -5.33 0.50
N GLU A 407 -5.28 -6.22 -0.38
CA GLU A 407 -5.95 -6.47 -1.67
C GLU A 407 -6.16 -5.18 -2.43
N SER A 408 -5.21 -4.27 -2.36
N SER A 408 -5.21 -4.26 -2.33
CA SER A 408 -5.35 -2.95 -2.93
CA SER A 408 -5.27 -2.94 -2.95
C SER A 408 -5.03 -2.96 -4.44
C SER A 408 -5.07 -3.02 -4.47
N ASN A 409 -5.77 -2.14 -5.17
CA ASN A 409 -5.53 -1.90 -6.58
C ASN A 409 -4.87 -0.53 -6.77
N ILE A 410 -3.54 -0.51 -6.69
CA ILE A 410 -2.78 0.71 -6.92
C ILE A 410 -1.79 0.47 -8.04
N ASN A 411 -1.37 1.53 -8.68
CA ASN A 411 -0.43 1.50 -9.80
C ASN A 411 0.77 2.35 -9.41
N LEU A 412 1.94 1.77 -9.54
N LEU A 412 1.96 1.82 -9.63
CA LEU A 412 3.23 2.39 -9.17
CA LEU A 412 3.20 2.47 -9.23
C LEU A 412 4.03 2.54 -10.48
C LEU A 412 4.14 2.50 -10.43
N CYS A 413 4.64 3.67 -10.74
CA CYS A 413 5.58 3.82 -11.84
C CYS A 413 6.89 4.34 -11.26
N GLY A 414 7.93 3.53 -11.42
CA GLY A 414 9.24 3.86 -10.91
C GLY A 414 10.20 4.15 -12.07
N SER A 415 10.71 5.37 -12.09
N SER A 415 10.79 5.33 -12.12
CA SER A 415 11.60 5.81 -13.13
CA SER A 415 11.75 5.68 -13.18
C SER A 415 13.08 5.52 -12.84
C SER A 415 13.17 5.61 -12.72
N HIS A 416 13.97 5.89 -13.75
CA HIS A 416 15.39 5.95 -13.42
C HIS A 416 15.93 4.58 -13.06
N CYS A 417 15.47 3.57 -13.79
CA CYS A 417 15.95 2.23 -13.44
C CYS A 417 17.36 1.99 -13.94
N GLY A 418 18.12 1.24 -13.22
CA GLY A 418 19.39 0.72 -13.66
C GLY A 418 20.53 1.74 -13.70
N VAL A 419 21.69 1.23 -14.17
CA VAL A 419 22.86 2.05 -14.33
C VAL A 419 22.72 3.05 -15.46
N SER A 420 21.73 2.87 -16.36
CA SER A 420 21.63 3.72 -17.51
C SER A 420 21.26 5.16 -17.16
N ILE A 421 20.95 5.48 -15.91
CA ILE A 421 20.79 6.86 -15.51
C ILE A 421 22.11 7.64 -15.63
N GLY A 422 23.24 6.97 -15.55
CA GLY A 422 24.52 7.63 -15.62
C GLY A 422 25.00 8.30 -14.36
N GLU A 423 25.11 9.63 -14.42
CA GLU A 423 26.03 10.34 -13.55
C GLU A 423 25.62 10.48 -12.11
N ASP A 424 24.32 10.40 -11.76
CA ASP A 424 23.98 10.54 -10.35
C ASP A 424 24.59 9.43 -9.48
N GLY A 425 24.87 8.26 -10.03
CA GLY A 425 25.40 7.20 -9.22
C GLY A 425 24.37 6.30 -8.55
N PRO A 426 24.84 5.33 -7.76
CA PRO A 426 24.00 4.20 -7.35
C PRO A 426 22.85 4.57 -6.42
N SER A 427 22.97 5.62 -5.65
N SER A 427 22.93 5.65 -5.66
CA SER A 427 21.84 6.01 -4.80
CA SER A 427 21.79 5.94 -4.77
C SER A 427 20.54 6.17 -5.56
C SER A 427 20.53 6.18 -5.58
N GLN A 428 20.61 6.61 -6.80
N GLN A 428 20.62 6.56 -6.84
CA GLN A 428 19.44 6.86 -7.65
CA GLN A 428 19.40 6.81 -7.65
C GLN A 428 19.10 5.67 -8.54
C GLN A 428 19.10 5.67 -8.62
N MET A 429 19.94 4.64 -8.62
CA MET A 429 19.81 3.54 -9.58
C MET A 429 18.96 2.42 -9.01
N ALA A 430 17.86 2.10 -9.64
CA ALA A 430 17.03 0.97 -9.22
C ALA A 430 17.63 -0.32 -9.79
N LEU A 431 18.11 -1.17 -8.92
CA LEU A 431 18.77 -2.40 -9.30
C LEU A 431 18.19 -3.62 -8.60
N GLU A 432 17.16 -3.40 -7.77
CA GLU A 432 16.53 -4.38 -6.94
C GLU A 432 15.00 -4.28 -7.01
N ASP A 433 14.48 -3.40 -7.85
CA ASP A 433 13.07 -3.15 -7.91
C ASP A 433 12.31 -4.32 -8.57
N LEU A 434 12.92 -5.03 -9.51
CA LEU A 434 12.24 -6.23 -10.05
C LEU A 434 12.17 -7.29 -8.98
N ALA A 435 13.23 -7.50 -8.21
CA ALA A 435 13.19 -8.44 -7.10
C ALA A 435 12.07 -8.07 -6.13
N MET A 436 12.05 -6.78 -5.78
N MET A 436 11.97 -6.79 -5.76
CA MET A 436 11.10 -6.28 -4.82
CA MET A 436 11.03 -6.36 -4.76
C MET A 436 9.66 -6.51 -5.28
C MET A 436 9.60 -6.56 -5.28
N PHE A 437 9.31 -5.98 -6.46
CA PHE A 437 7.94 -6.06 -6.94
C PHE A 437 7.56 -7.46 -7.34
N ARG A 438 8.46 -8.31 -7.86
CA ARG A 438 8.09 -9.69 -8.16
C ARG A 438 7.70 -10.45 -6.90
N SER A 439 8.27 -10.10 -5.75
CA SER A 439 7.96 -10.78 -4.50
C SER A 439 6.63 -10.35 -3.88
N VAL A 440 5.97 -9.37 -4.44
CA VAL A 440 4.68 -8.90 -3.96
C VAL A 440 3.58 -9.79 -4.60
N PRO A 441 2.80 -10.52 -3.81
CA PRO A 441 2.00 -11.62 -4.44
C PRO A 441 1.00 -11.28 -5.48
N THR A 442 0.45 -10.13 -5.36
CA THR A 442 -0.62 -9.67 -6.34
C THR A 442 -0.09 -8.81 -7.47
N SER A 443 1.24 -8.80 -7.65
CA SER A 443 1.81 -7.84 -8.55
C SER A 443 1.76 -8.29 -10.01
N THR A 444 1.74 -7.27 -10.89
CA THR A 444 1.99 -7.36 -12.32
C THR A 444 3.13 -6.37 -12.59
N VAL A 445 4.18 -6.84 -13.24
CA VAL A 445 5.38 -6.04 -13.45
C VAL A 445 5.55 -5.79 -14.94
N PHE A 446 5.36 -4.56 -15.37
CA PHE A 446 5.55 -4.12 -16.73
C PHE A 446 6.93 -3.47 -16.87
N TYR A 447 7.62 -3.81 -17.95
CA TYR A 447 8.93 -3.21 -18.24
C TYR A 447 8.89 -2.78 -19.71
N PRO A 448 8.29 -1.65 -19.99
CA PRO A 448 8.13 -1.26 -21.39
C PRO A 448 9.47 -0.81 -21.97
N SER A 449 9.68 -1.19 -23.25
CA SER A 449 10.97 -0.92 -23.88
C SER A 449 10.96 0.28 -24.81
N ASP A 450 9.80 0.82 -25.17
CA ASP A 450 9.71 2.03 -25.98
C ASP A 450 8.47 2.78 -25.56
N GLY A 451 8.24 3.90 -26.20
CA GLY A 451 7.11 4.75 -25.86
C GLY A 451 5.76 4.12 -26.14
N VAL A 452 5.65 3.36 -27.24
CA VAL A 452 4.40 2.68 -27.52
C VAL A 452 4.05 1.66 -26.43
N ALA A 453 5.04 0.82 -26.10
CA ALA A 453 4.82 -0.17 -25.05
C ALA A 453 4.47 0.51 -23.72
N THR A 454 5.07 1.68 -23.47
CA THR A 454 4.78 2.40 -22.23
C THR A 454 3.33 2.82 -22.18
N GLU A 455 2.83 3.44 -23.28
CA GLU A 455 1.43 3.84 -23.29
C GLU A 455 0.51 2.66 -23.10
N LYS A 456 0.80 1.54 -23.76
CA LYS A 456 -0.04 0.36 -23.61
C LYS A 456 0.04 -0.19 -22.21
N ALA A 457 1.21 -0.16 -21.55
CA ALA A 457 1.34 -0.59 -20.18
C ALA A 457 0.50 0.27 -19.23
N VAL A 458 0.48 1.57 -19.43
CA VAL A 458 -0.34 2.44 -18.57
C VAL A 458 -1.78 2.06 -18.69
N GLU A 459 -2.27 1.86 -19.93
CA GLU A 459 -3.69 1.50 -20.12
C GLU A 459 -4.00 0.16 -19.51
N LEU A 460 -3.14 -0.85 -19.74
CA LEU A 460 -3.37 -2.15 -19.18
C LEU A 460 -3.34 -2.09 -17.64
N ALA A 461 -2.37 -1.39 -17.07
CA ALA A 461 -2.27 -1.29 -15.61
C ALA A 461 -3.56 -0.73 -15.04
N ALA A 462 -4.10 0.33 -15.66
CA ALA A 462 -5.31 0.97 -15.15
C ALA A 462 -6.44 -0.04 -14.98
N ASN A 463 -6.51 -1.01 -15.86
CA ASN A 463 -7.56 -1.99 -15.89
C ASN A 463 -7.23 -3.34 -15.25
N THR A 464 -6.10 -3.44 -14.56
CA THR A 464 -5.62 -4.66 -13.96
C THR A 464 -5.69 -4.53 -12.45
N LYS A 465 -6.24 -5.53 -11.76
CA LYS A 465 -6.29 -5.57 -10.32
C LYS A 465 -4.91 -5.85 -9.75
N GLY A 466 -4.73 -5.53 -8.49
CA GLY A 466 -3.52 -5.84 -7.74
C GLY A 466 -2.49 -4.70 -7.78
N ILE A 467 -1.28 -5.04 -7.38
N ILE A 467 -1.26 -5.11 -7.51
CA ILE A 467 -0.20 -4.06 -7.33
CA ILE A 467 -0.27 -4.02 -7.50
C ILE A 467 0.46 -4.01 -8.70
C ILE A 467 0.54 -4.05 -8.78
N CYS A 468 0.22 -3.01 -9.57
CA CYS A 468 0.84 -2.90 -10.85
C CYS A 468 2.07 -2.01 -10.75
N PHE A 469 3.20 -2.47 -11.27
CA PHE A 469 4.42 -1.71 -11.29
C PHE A 469 4.86 -1.54 -12.75
N ILE A 470 5.19 -0.31 -13.13
CA ILE A 470 5.73 0.01 -14.45
C ILE A 470 7.13 0.59 -14.24
N ARG A 471 8.12 -0.10 -14.80
CA ARG A 471 9.55 0.29 -14.70
C ARG A 471 9.91 1.16 -15.89
N THR A 472 10.21 2.43 -15.66
CA THR A 472 10.57 3.34 -16.72
C THR A 472 12.08 3.70 -16.60
N SER A 473 12.58 4.23 -17.70
CA SER A 473 14.01 4.45 -17.94
C SER A 473 14.28 5.92 -18.26
N ARG A 474 15.47 6.35 -17.87
CA ARG A 474 15.85 7.72 -18.00
C ARG A 474 16.25 8.06 -19.40
N PRO A 475 17.10 7.30 -20.12
CA PRO A 475 17.56 7.76 -21.41
C PRO A 475 16.56 7.58 -22.56
N GLU A 476 16.71 8.32 -23.63
CA GLU A 476 15.89 8.23 -24.82
C GLU A 476 16.27 6.98 -25.60
N ASN A 477 15.33 6.20 -26.07
CA ASN A 477 15.58 5.10 -26.99
C ASN A 477 14.58 5.22 -28.14
N ALA A 478 14.90 4.53 -29.21
CA ALA A 478 14.09 4.51 -30.40
C ALA A 478 12.73 3.84 -30.13
N ILE A 479 11.71 4.37 -30.82
CA ILE A 479 10.45 3.66 -30.99
C ILE A 479 10.69 2.53 -31.98
N ILE A 480 10.31 1.33 -31.56
CA ILE A 480 10.45 0.13 -32.38
C ILE A 480 9.11 -0.49 -32.74
N TYR A 481 8.05 -0.19 -32.03
CA TYR A 481 6.73 -0.82 -32.29
C TYR A 481 5.83 0.11 -33.10
N ASN A 482 5.08 -0.50 -34.01
CA ASN A 482 3.99 0.23 -34.64
C ASN A 482 2.95 0.66 -33.59
N ASN A 483 2.28 1.79 -33.84
CA ASN A 483 1.30 2.26 -32.85
C ASN A 483 0.17 1.34 -32.62
N ASN A 484 -0.17 0.53 -33.64
N ASN A 484 -0.23 0.55 -33.61
CA ASN A 484 -1.24 -0.42 -33.60
CA ASN A 484 -1.32 -0.39 -33.43
C ASN A 484 -0.80 -1.83 -33.21
C ASN A 484 -0.90 -1.76 -32.94
N GLU A 485 0.39 -1.96 -32.65
CA GLU A 485 0.80 -3.26 -32.10
C GLU A 485 -0.07 -3.63 -30.89
N ASP A 486 -0.62 -4.84 -30.82
CA ASP A 486 -1.41 -5.26 -29.71
C ASP A 486 -0.56 -5.71 -28.57
N PHE A 487 -0.81 -5.24 -27.36
CA PHE A 487 -0.07 -5.62 -26.16
C PHE A 487 -1.05 -6.22 -25.15
N GLN A 488 -0.57 -7.23 -24.41
N GLN A 488 -0.63 -7.28 -24.46
CA GLN A 488 -1.35 -7.88 -23.39
CA GLN A 488 -1.43 -7.78 -23.34
C GLN A 488 -0.41 -8.25 -22.25
C GLN A 488 -0.51 -8.36 -22.28
N VAL A 489 -1.00 -8.29 -21.03
CA VAL A 489 -0.29 -8.81 -19.88
C VAL A 489 0.07 -10.29 -20.16
N GLY A 490 1.26 -10.67 -19.89
CA GLY A 490 1.82 -12.01 -20.06
C GLY A 490 2.13 -12.36 -21.51
N GLN A 491 2.20 -11.44 -22.41
CA GLN A 491 2.53 -11.66 -23.81
C GLN A 491 3.79 -10.89 -24.14
N ALA A 492 4.85 -11.63 -24.48
CA ALA A 492 6.11 -11.07 -24.95
C ALA A 492 6.04 -10.80 -26.46
N LYS A 493 7.09 -10.19 -26.99
CA LYS A 493 7.22 -9.89 -28.40
C LYS A 493 8.57 -10.37 -28.90
N VAL A 494 8.59 -11.05 -30.03
CA VAL A 494 9.84 -11.30 -30.74
C VAL A 494 10.08 -10.14 -31.70
N VAL A 495 11.11 -9.35 -31.40
CA VAL A 495 11.38 -8.10 -32.14
C VAL A 495 12.41 -8.32 -33.24
N LEU A 496 13.14 -9.42 -33.27
CA LEU A 496 14.07 -9.74 -34.33
C LEU A 496 14.14 -11.26 -34.43
N LYS A 497 13.99 -11.76 -35.65
CA LYS A 497 14.16 -13.18 -35.85
C LYS A 497 14.60 -13.47 -37.29
N SER A 498 15.21 -14.60 -37.51
CA SER A 498 15.59 -15.15 -38.78
C SER A 498 15.56 -16.66 -38.69
N LYS A 499 15.70 -17.31 -39.82
CA LYS A 499 15.52 -18.78 -39.68
C LYS A 499 16.78 -19.36 -39.11
N ASP A 500 17.92 -18.64 -39.18
CA ASP A 500 19.11 -19.28 -38.62
C ASP A 500 19.66 -18.65 -37.31
N ASP A 501 18.76 -18.33 -36.42
CA ASP A 501 19.12 -17.71 -35.17
C ASP A 501 19.78 -18.74 -34.27
N GLN A 502 20.84 -18.27 -33.64
CA GLN A 502 21.71 -19.12 -32.86
C GLN A 502 21.53 -19.04 -31.36
N VAL A 503 20.90 -17.99 -30.87
N VAL A 503 20.96 -17.96 -30.87
CA VAL A 503 20.48 -17.93 -29.48
CA VAL A 503 20.71 -17.67 -29.46
C VAL A 503 19.40 -16.83 -29.38
C VAL A 503 19.38 -16.89 -29.43
N THR A 504 18.55 -17.07 -28.41
CA THR A 504 17.44 -16.16 -28.06
C THR A 504 17.95 -15.22 -26.96
N VAL A 505 18.01 -13.95 -27.29
CA VAL A 505 18.46 -12.91 -26.32
C VAL A 505 17.22 -12.19 -25.84
N ILE A 506 17.04 -12.24 -24.50
CA ILE A 506 15.95 -11.57 -23.82
C ILE A 506 16.51 -10.34 -23.16
N GLY A 507 16.03 -9.16 -23.56
CA GLY A 507 16.37 -7.91 -22.94
C GLY A 507 15.11 -7.09 -22.69
N ALA A 508 15.28 -5.98 -22.02
CA ALA A 508 14.15 -5.13 -21.69
C ALA A 508 14.67 -3.74 -21.49
N GLY A 509 13.90 -2.73 -21.77
CA GLY A 509 14.33 -1.36 -21.68
C GLY A 509 15.64 -1.15 -22.43
N VAL A 510 16.58 -0.53 -21.72
N VAL A 510 16.60 -0.51 -21.80
CA VAL A 510 17.83 -0.23 -22.41
CA VAL A 510 17.90 -0.23 -22.39
C VAL A 510 18.51 -1.47 -22.93
C VAL A 510 18.58 -1.48 -22.90
N THR A 511 18.41 -2.63 -22.22
CA THR A 511 19.11 -3.80 -22.69
C THR A 511 18.45 -4.43 -23.90
N LEU A 512 17.18 -4.17 -24.16
CA LEU A 512 16.59 -4.60 -25.41
C LEU A 512 17.28 -3.88 -26.57
N HIS A 513 17.45 -2.56 -26.44
CA HIS A 513 18.09 -1.76 -27.46
C HIS A 513 19.56 -2.17 -27.62
N GLU A 514 20.24 -2.48 -26.51
CA GLU A 514 21.61 -3.01 -26.61
C GLU A 514 21.60 -4.36 -27.32
N ALA A 515 20.60 -5.21 -27.10
CA ALA A 515 20.56 -6.45 -27.79
C ALA A 515 20.35 -6.26 -29.30
N LEU A 516 19.49 -5.35 -29.69
CA LEU A 516 19.30 -5.03 -31.11
C LEU A 516 20.61 -4.52 -31.71
N ALA A 517 21.36 -3.72 -30.97
CA ALA A 517 22.63 -3.22 -31.49
C ALA A 517 23.63 -4.36 -31.60
N ALA A 518 23.60 -5.28 -30.63
CA ALA A 518 24.45 -6.49 -30.67
C ALA A 518 24.15 -7.32 -31.89
N ALA A 519 22.88 -7.43 -32.23
CA ALA A 519 22.48 -8.20 -33.40
C ALA A 519 23.11 -7.57 -34.63
N GLU A 520 23.16 -6.26 -34.73
CA GLU A 520 23.78 -5.60 -35.88
C GLU A 520 25.30 -5.87 -35.91
N LEU A 521 25.97 -5.89 -34.78
CA LEU A 521 27.36 -6.23 -34.66
C LEU A 521 27.61 -7.65 -35.14
N LEU A 522 26.77 -8.56 -34.72
CA LEU A 522 26.96 -9.97 -34.96
C LEU A 522 26.70 -10.30 -36.43
N LYS A 523 25.88 -9.56 -37.07
CA LYS A 523 25.57 -9.75 -38.50
C LYS A 523 26.84 -9.70 -39.30
N LYS A 524 27.75 -8.85 -38.83
CA LYS A 524 29.00 -8.63 -39.54
C LYS A 524 29.75 -9.97 -39.64
N GLU A 525 29.53 -10.84 -38.67
CA GLU A 525 30.17 -12.08 -38.34
C GLU A 525 29.31 -13.24 -38.88
N LYS A 526 28.25 -12.87 -39.59
CA LYS A 526 27.28 -13.85 -40.08
C LYS A 526 26.67 -14.65 -38.94
N ILE A 527 26.43 -14.04 -37.78
CA ILE A 527 25.69 -14.67 -36.68
C ILE A 527 24.38 -13.93 -36.46
N ASN A 528 23.27 -14.60 -36.56
CA ASN A 528 21.95 -14.11 -36.26
C ASN A 528 21.51 -14.50 -34.86
N ILE A 529 20.84 -13.53 -34.20
CA ILE A 529 20.22 -13.79 -32.93
C ILE A 529 18.75 -13.39 -32.94
N ARG A 530 17.96 -14.17 -32.19
CA ARG A 530 16.58 -13.86 -31.97
C ARG A 530 16.50 -12.90 -30.75
N VAL A 531 15.70 -11.88 -30.82
CA VAL A 531 15.62 -10.90 -29.73
C VAL A 531 14.18 -10.84 -29.26
N LEU A 532 14.00 -11.01 -27.98
CA LEU A 532 12.69 -11.11 -27.34
C LEU A 532 12.56 -10.05 -26.23
N ASP A 533 11.44 -9.31 -26.30
CA ASP A 533 11.09 -8.25 -25.32
C ASP A 533 9.96 -8.80 -24.45
N PRO A 534 10.20 -9.11 -23.17
N PRO A 534 10.19 -8.97 -23.14
CA PRO A 534 9.15 -9.72 -22.34
CA PRO A 534 9.16 -9.68 -22.35
C PRO A 534 7.84 -8.93 -22.20
C PRO A 534 7.84 -8.93 -22.18
N PHE A 535 7.91 -7.61 -22.13
CA PHE A 535 6.82 -6.69 -21.88
C PHE A 535 6.37 -6.72 -20.41
N THR A 536 5.87 -7.88 -19.98
CA THR A 536 5.71 -8.10 -18.55
C THR A 536 6.76 -9.07 -18.06
N ILE A 537 7.41 -8.72 -16.96
CA ILE A 537 8.33 -9.62 -16.29
C ILE A 537 7.57 -10.59 -15.40
N LYS A 538 6.40 -10.15 -14.91
CA LYS A 538 5.52 -10.95 -14.11
C LYS A 538 4.11 -10.62 -14.54
N PRO A 539 3.36 -11.51 -15.15
CA PRO A 539 3.71 -12.86 -15.52
C PRO A 539 4.59 -12.88 -16.75
N LEU A 540 5.43 -13.93 -16.83
N LEU A 540 5.49 -13.88 -16.81
CA LEU A 540 6.35 -14.10 -17.92
CA LEU A 540 6.25 -14.11 -18.02
C LEU A 540 5.76 -15.00 -19.02
C LEU A 540 5.45 -14.89 -19.07
N ASP A 541 5.90 -14.66 -20.29
CA ASP A 541 5.40 -15.44 -21.42
C ASP A 541 6.32 -16.64 -21.61
N ARG A 542 6.12 -17.64 -20.74
CA ARG A 542 6.95 -18.83 -20.81
C ARG A 542 6.82 -19.50 -22.15
N LYS A 543 5.64 -19.53 -22.76
CA LYS A 543 5.42 -20.26 -24.00
C LYS A 543 6.29 -19.66 -25.09
N LEU A 544 6.27 -18.34 -25.26
CA LEU A 544 7.06 -17.72 -26.35
C LEU A 544 8.53 -17.86 -26.07
N ILE A 545 8.91 -17.75 -24.81
CA ILE A 545 10.32 -17.95 -24.50
C ILE A 545 10.80 -19.36 -24.88
N LEU A 546 10.00 -20.37 -24.52
CA LEU A 546 10.46 -21.72 -24.89
C LEU A 546 10.38 -21.99 -26.37
N ASP A 547 9.34 -21.47 -27.05
CA ASP A 547 9.22 -21.67 -28.48
C ASP A 547 10.41 -20.99 -29.16
N SER A 548 10.81 -19.83 -28.69
CA SER A 548 11.96 -19.15 -29.22
C SER A 548 13.22 -19.98 -29.01
N ALA A 549 13.43 -20.43 -27.77
CA ALA A 549 14.63 -21.17 -27.46
C ALA A 549 14.70 -22.45 -28.30
N ARG A 550 13.57 -23.10 -28.50
CA ARG A 550 13.65 -24.29 -29.38
C ARG A 550 14.03 -23.97 -30.81
N ALA A 551 13.82 -22.77 -31.26
CA ALA A 551 14.27 -22.35 -32.58
C ALA A 551 15.76 -21.93 -32.65
N THR A 552 16.37 -21.74 -31.46
CA THR A 552 17.72 -21.24 -31.36
C THR A 552 18.62 -22.19 -30.56
N LYS A 553 18.54 -23.46 -30.94
CA LYS A 553 19.35 -24.53 -30.38
C LYS A 553 19.27 -24.65 -28.86
N GLY A 554 18.12 -24.30 -28.32
CA GLY A 554 17.84 -24.35 -26.87
C GLY A 554 18.45 -23.24 -25.99
N ARG A 555 19.17 -22.33 -26.65
CA ARG A 555 19.98 -21.34 -25.95
C ARG A 555 19.24 -20.04 -25.71
N ILE A 556 19.21 -19.65 -24.43
CA ILE A 556 18.69 -18.37 -23.99
C ILE A 556 19.79 -17.57 -23.30
N LEU A 557 19.89 -16.29 -23.64
CA LEU A 557 20.73 -15.34 -22.93
C LEU A 557 19.83 -14.21 -22.42
N THR A 558 19.91 -13.96 -21.13
N THR A 558 19.81 -13.96 -21.12
CA THR A 558 19.11 -12.84 -20.63
CA THR A 558 19.04 -12.85 -20.54
C THR A 558 20.03 -11.73 -20.16
C THR A 558 20.05 -11.73 -20.22
N VAL A 559 19.66 -10.49 -20.46
CA VAL A 559 20.53 -9.34 -20.20
C VAL A 559 19.66 -8.26 -19.56
N GLU A 560 20.06 -7.77 -18.39
CA GLU A 560 19.19 -6.86 -17.62
C GLU A 560 20.01 -5.81 -16.87
N ASP A 561 19.41 -4.60 -16.80
CA ASP A 561 19.95 -3.50 -16.01
C ASP A 561 19.35 -3.59 -14.61
N HIS A 562 19.83 -4.57 -13.86
CA HIS A 562 19.32 -4.98 -12.57
C HIS A 562 20.36 -5.91 -11.96
N TYR A 563 20.35 -6.10 -10.66
CA TYR A 563 21.18 -7.11 -10.01
C TYR A 563 20.75 -8.49 -10.46
N TYR A 564 21.64 -9.49 -10.18
CA TYR A 564 21.37 -10.87 -10.59
C TYR A 564 20.20 -11.47 -9.90
N GLU A 565 19.98 -11.19 -8.63
CA GLU A 565 18.98 -11.89 -7.83
C GLU A 565 17.61 -11.26 -8.00
N GLY A 566 16.63 -12.11 -8.30
CA GLY A 566 15.22 -11.70 -8.34
C GLY A 566 14.76 -10.99 -9.57
N GLY A 567 15.60 -10.86 -10.58
CA GLY A 567 15.22 -10.10 -11.78
C GLY A 567 14.83 -11.02 -12.93
N ILE A 568 15.07 -10.47 -14.14
CA ILE A 568 14.63 -11.14 -15.34
C ILE A 568 15.30 -12.48 -15.52
N GLY A 569 16.61 -12.53 -15.36
CA GLY A 569 17.33 -13.78 -15.54
C GLY A 569 16.84 -14.88 -14.60
N GLU A 570 16.62 -14.55 -13.34
CA GLU A 570 16.11 -15.54 -12.41
C GLU A 570 14.67 -15.93 -12.73
N ALA A 571 13.84 -14.98 -13.14
CA ALA A 571 12.47 -15.33 -13.56
C ALA A 571 12.49 -16.32 -14.72
N VAL A 572 13.36 -16.04 -15.70
CA VAL A 572 13.41 -16.93 -16.84
C VAL A 572 13.93 -18.27 -16.46
N SER A 573 14.99 -18.33 -15.66
CA SER A 573 15.54 -19.61 -15.22
C SER A 573 14.52 -20.45 -14.46
N SER A 574 13.78 -19.84 -13.57
N SER A 574 13.75 -19.81 -13.60
CA SER A 574 12.76 -20.59 -12.78
CA SER A 574 12.82 -20.60 -12.79
C SER A 574 11.73 -21.10 -13.75
C SER A 574 11.63 -21.03 -13.65
N ALA A 575 11.38 -20.35 -14.78
CA ALA A 575 10.29 -20.74 -15.67
C ALA A 575 10.64 -21.96 -16.45
N VAL A 576 11.89 -22.08 -16.85
CA VAL A 576 12.29 -23.09 -17.81
C VAL A 576 13.18 -24.18 -17.28
N VAL A 577 13.65 -24.12 -16.04
CA VAL A 577 14.62 -25.09 -15.52
C VAL A 577 14.07 -26.50 -15.73
N GLY A 578 14.93 -27.45 -16.11
CA GLY A 578 14.56 -28.84 -16.48
C GLY A 578 14.01 -29.09 -17.86
N GLU A 579 13.78 -28.09 -18.70
CA GLU A 579 13.35 -28.31 -20.05
C GLU A 579 14.50 -28.87 -20.90
N PRO A 580 14.30 -30.01 -21.57
CA PRO A 580 15.44 -30.63 -22.19
C PRO A 580 15.91 -29.75 -23.34
N GLY A 581 17.25 -29.71 -23.34
CA GLY A 581 17.83 -28.99 -24.45
C GLY A 581 17.89 -27.49 -24.15
N ILE A 582 17.31 -27.05 -23.03
CA ILE A 582 17.25 -25.60 -22.76
C ILE A 582 18.39 -25.22 -21.82
N THR A 583 19.13 -24.18 -22.23
CA THR A 583 20.17 -23.56 -21.43
C THR A 583 19.84 -22.09 -21.22
N VAL A 584 20.22 -21.53 -20.07
CA VAL A 584 20.00 -20.11 -19.80
C VAL A 584 21.28 -19.57 -19.22
N THR A 585 21.80 -18.52 -19.85
CA THR A 585 22.97 -17.72 -19.45
C THR A 585 22.55 -16.32 -19.16
N HIS A 586 23.30 -15.63 -18.32
N HIS A 586 23.12 -15.69 -18.14
CA HIS A 586 22.72 -14.45 -17.67
CA HIS A 586 22.64 -14.42 -17.60
C HIS A 586 23.73 -13.33 -17.50
C HIS A 586 23.77 -13.39 -17.73
N LEU A 587 23.38 -12.18 -18.07
CA LEU A 587 24.19 -10.97 -17.91
C LEU A 587 23.38 -9.98 -17.07
N ALA A 588 23.97 -9.47 -16.01
CA ALA A 588 23.32 -8.51 -15.13
C ALA A 588 24.42 -7.72 -14.44
N VAL A 589 24.01 -6.87 -13.50
CA VAL A 589 24.92 -5.98 -12.77
C VAL A 589 25.40 -6.67 -11.53
N ASN A 590 26.72 -6.85 -11.35
CA ASN A 590 27.19 -7.74 -10.29
C ASN A 590 27.54 -7.05 -8.97
N ARG A 591 27.43 -5.77 -8.83
CA ARG A 591 27.86 -5.08 -7.62
C ARG A 591 27.36 -3.65 -7.67
N VAL A 592 27.48 -2.94 -6.54
CA VAL A 592 27.09 -1.54 -6.49
C VAL A 592 27.80 -0.74 -7.57
N PRO A 593 27.10 0.01 -8.39
N PRO A 593 27.10 0.01 -8.38
CA PRO A 593 27.74 0.83 -9.44
CA PRO A 593 27.76 0.74 -9.48
C PRO A 593 28.34 2.11 -8.89
C PRO A 593 28.40 2.04 -8.98
N ARG A 594 28.54 3.03 -9.86
CA ARG A 594 29.34 4.23 -9.69
C ARG A 594 28.91 5.22 -10.78
N SER A 595 29.42 6.45 -10.74
CA SER A 595 29.05 7.45 -11.71
C SER A 595 29.82 7.33 -13.01
N GLY A 596 29.13 7.63 -14.11
CA GLY A 596 29.75 7.78 -15.42
C GLY A 596 28.66 8.02 -16.42
N LYS A 597 29.02 8.15 -17.69
CA LYS A 597 27.99 8.27 -18.71
C LYS A 597 27.21 6.97 -18.83
N PRO A 598 25.93 7.03 -19.21
CA PRO A 598 25.14 5.78 -19.37
C PRO A 598 25.85 4.69 -20.15
N ALA A 599 26.39 5.05 -21.35
CA ALA A 599 27.03 4.00 -22.17
C ALA A 599 28.25 3.45 -21.49
N GLU A 600 29.00 4.28 -20.79
CA GLU A 600 30.18 3.82 -20.07
C GLU A 600 29.83 2.81 -18.97
N LEU A 601 28.73 3.09 -18.26
CA LEU A 601 28.32 2.18 -17.20
C LEU A 601 27.76 0.88 -17.73
N LEU A 602 26.99 0.93 -18.84
CA LEU A 602 26.53 -0.32 -19.43
C LEU A 602 27.71 -1.20 -19.78
N LYS A 603 28.79 -0.56 -20.30
CA LYS A 603 30.03 -1.28 -20.62
C LYS A 603 30.69 -1.81 -19.36
N MET A 604 30.93 -0.97 -18.35
CA MET A 604 31.61 -1.36 -17.14
C MET A 604 30.94 -2.58 -16.49
N PHE A 605 29.59 -2.55 -16.47
CA PHE A 605 28.83 -3.56 -15.78
C PHE A 605 28.37 -4.71 -16.68
N GLY A 606 28.85 -4.74 -17.92
CA GLY A 606 28.72 -5.97 -18.68
C GLY A 606 27.39 -6.27 -19.28
N ILE A 607 26.63 -5.22 -19.65
CA ILE A 607 25.27 -5.40 -20.13
C ILE A 607 25.00 -4.59 -21.39
N ASP A 608 26.05 -4.16 -22.09
N ASP A 608 26.07 -4.17 -22.08
CA ASP A 608 25.86 -3.44 -23.34
CA ASP A 608 26.02 -3.46 -23.35
C ASP A 608 26.11 -4.37 -24.54
C ASP A 608 26.05 -4.43 -24.55
N ARG A 609 25.96 -3.78 -25.71
CA ARG A 609 26.01 -4.51 -26.98
C ARG A 609 27.25 -5.41 -27.13
N ASP A 610 28.41 -4.90 -26.71
CA ASP A 610 29.60 -5.70 -26.85
C ASP A 610 29.61 -6.89 -25.89
N ALA A 611 29.11 -6.71 -24.66
CA ALA A 611 28.99 -7.82 -23.70
C ALA A 611 28.03 -8.87 -24.22
N ILE A 612 26.93 -8.44 -24.81
CA ILE A 612 25.95 -9.38 -25.33
C ILE A 612 26.56 -10.17 -26.48
N ALA A 613 27.23 -9.45 -27.40
CA ALA A 613 27.84 -10.12 -28.55
C ALA A 613 28.86 -11.17 -28.10
N GLN A 614 29.67 -10.84 -27.11
CA GLN A 614 30.64 -11.80 -26.58
C GLN A 614 29.95 -13.02 -25.93
N ALA A 615 28.91 -12.86 -25.13
CA ALA A 615 28.20 -13.96 -24.54
C ALA A 615 27.61 -14.84 -25.61
N VAL A 616 27.06 -14.25 -26.67
CA VAL A 616 26.47 -15.05 -27.78
C VAL A 616 27.54 -15.88 -28.43
N ARG A 617 28.70 -15.27 -28.77
CA ARG A 617 29.77 -16.07 -29.33
C ARG A 617 30.22 -17.22 -28.44
N GLY A 618 30.27 -16.99 -27.12
CA GLY A 618 30.74 -18.08 -26.30
C GLY A 618 29.76 -19.21 -26.19
N LEU A 619 28.47 -18.93 -26.25
CA LEU A 619 27.50 -19.99 -26.34
C LEU A 619 27.70 -20.87 -27.55
N ILE A 620 27.93 -20.17 -28.65
CA ILE A 620 27.85 -20.89 -29.91
C ILE A 620 29.05 -21.81 -29.91
N THR A 621 30.11 -21.38 -29.29
CA THR A 621 31.32 -22.20 -29.27
C THR A 621 31.45 -22.89 -27.91
CA CA B . 0.90 1.65 23.95
C1 EDO C . -15.88 1.86 9.19
O1 EDO C . -14.75 2.11 8.14
C2 EDO C . -17.31 1.60 8.13
O2 EDO C . -17.35 2.48 7.07
C1 EDO D . -11.39 -1.43 10.12
O1 EDO D . -11.89 -0.47 10.78
C2 EDO D . -9.90 -1.86 10.51
O2 EDO D . -9.03 -0.81 10.09
C1 EDO E . 29.72 -9.89 -14.54
O1 EDO E . 28.41 -9.41 -14.14
C2 EDO E . 30.05 -9.43 -15.95
O2 EDO E . 29.26 -10.06 -16.98
C1 EDO F . -20.02 -7.77 20.71
C1 EDO F . -20.02 -8.06 21.49
O1 EDO F . -20.68 -9.28 21.43
O1 EDO F . -21.43 -7.65 21.50
C2 EDO F . -19.27 -7.87 21.87
C2 EDO F . -19.71 -7.51 22.93
O2 EDO F . -19.88 -8.21 22.43
O2 EDO F . -21.01 -7.40 23.46
C1 EDO G . -16.79 -12.97 9.87
O1 EDO G . -16.58 -13.89 8.83
C2 EDO G . -15.65 -11.74 9.23
O2 EDO G . -15.65 -11.28 8.16
C1 EDO H . 34.57 -7.31 -10.15
O1 EDO H . 33.44 -7.77 -9.48
C2 EDO H . 35.02 -7.14 -11.44
O2 EDO H . 33.78 -8.03 -11.93
C1 EDO I . -6.46 -21.12 18.30
O1 EDO I . -4.71 -21.69 17.90
C2 EDO I . -7.38 -19.77 17.32
O2 EDO I . -5.71 -21.04 15.52
C1 EDO J . 6.59 9.27 19.81
O1 EDO J . 7.18 9.37 21.28
C2 EDO J . 5.86 10.76 19.18
O2 EDO J . 6.78 11.58 18.74
C1 EDO K . -6.97 19.69 -3.64
O1 EDO K . -7.44 20.82 -4.13
C2 EDO K . -6.24 20.20 -2.18
O2 EDO K . -4.98 21.00 -2.39
N1' TPP L . 7.07 -3.00 13.95
C2' TPP L . 6.02 -2.79 13.12
CM2 TPP L . 6.20 -1.92 11.95
N3' TPP L . 4.84 -3.37 13.34
C4' TPP L . 4.71 -4.25 14.39
N4' TPP L . 3.58 -4.93 14.46
C5' TPP L . 5.77 -4.45 15.34
C6' TPP L . 6.95 -3.80 15.06
C7' TPP L . 5.69 -5.43 16.50
N3 TPP L . 4.69 -5.06 17.51
C2 TPP L . 3.40 -5.55 17.54
S1 TPP L . 2.44 -4.58 18.63
C5 TPP L . 3.82 -3.65 19.13
C4 TPP L . 4.94 -4.03 18.44
CM4 TPP L . 6.33 -3.51 18.60
C6 TPP L . 3.72 -2.65 20.24
C7 TPP L . 2.72 -1.56 19.90
O7 TPP L . 2.65 -0.68 21.05
PA TPP L . 1.63 0.53 20.97
O1A TPP L . 1.67 1.21 19.65
O2A TPP L . 1.91 1.35 22.20
O3A TPP L . 0.19 -0.16 21.10
PB TPP L . -0.61 -0.73 22.39
O1B TPP L . 0.11 -0.24 23.63
O2B TPP L . -1.97 -0.09 22.30
O3B TPP L . -0.59 -2.22 22.23
C1 DX5 M . 1.45 -6.98 17.05
C2 DX5 M . 2.93 -6.92 17.08
C3 DX5 M . 3.48 -7.97 18.18
C3 DX5 M . 3.67 -9.63 19.35
C4 DX5 M . 3.40 -9.39 17.79
C4 DX5 M . 3.25 -11.02 18.96
C5 DX5 M . 4.21 -10.28 18.81
C5 DX5 M . 3.34 -11.98 20.13
O1 DX5 M . 0.96 -6.24 15.90
O2 DX5 M . 3.52 -7.31 15.91
O3 DX5 M . 2.89 -7.77 19.45
O3 DX5 M . 2.88 -8.96 20.20
O4 DX5 M . 2.02 -9.88 17.81
O4 DX5 M . 1.98 -11.03 18.34
O5 DX5 M . 4.36 -11.61 18.24
O5 DX5 M . 4.52 -12.62 20.41
P DX5 M . 4.80 -12.80 19.23
P DX5 M . 5.32 -13.89 20.09
O1P DX5 M . 5.07 -14.00 18.39
O1P DX5 M . 5.50 -13.82 18.54
O2P DX5 M . 3.60 -13.09 20.18
O2P DX5 M . 5.24 -15.37 20.27
O3P DX5 M . 6.00 -12.39 20.01
O3P DX5 M . 6.68 -13.56 20.65
#